data_9EP6
#
_entry.id   9EP6
#
_cell.length_a   95.569
_cell.length_b   95.569
_cell.length_c   231.428
_cell.angle_alpha   90
_cell.angle_beta   90
_cell.angle_gamma   120
#
_symmetry.space_group_name_H-M   'P 31 2 1'
#
loop_
_entity.id
_entity.type
_entity.pdbx_description
1 polymer alpha-galactosidase
2 non-polymer 1,2-ETHANEDIOL
3 non-polymer DI(HYDROXYETHYL)ETHER
4 water water
#
_entity_poly.entity_id   1
_entity_poly.type   'polypeptide(L)'
_entity_poly.pdbx_seq_one_letter_code
;KPATAARATGLADFKPGVQWEICIHHPIKHDSAADLIPTKAKVWDIDMGHAQEFPNMIPMLKSAGKFVICYFNAGALQDW
DDDKSKFPKEVIGHSLSYPYDSEEWYLDIRDSRVLELQTARLDIAAKIGCDAVDPDNVDAWQQDDEDPTGFKLKSSDYTN
YLKNLAKYAHSIKTKDGQPLLVGQKNAPEIAEDLVSTLDFAVLESCRGNSDPNEESWPFCEDFQTYIDAGKPVLQIEYPP
SVEKTGKVSASDNKYYCTAEDEDKGFSKIIKWASAQLDGWGQYCGEEPFRTPAAKY
;
_entity_poly.pdbx_strand_id   A,B,C
#
# COMPACT_ATOMS: atom_id res chain seq x y z
N GLY A 10 -17.79 -9.01 2.19
CA GLY A 10 -17.44 -8.93 3.61
C GLY A 10 -16.46 -10.06 3.94
N LEU A 11 -15.16 -9.74 3.97
CA LEU A 11 -14.17 -10.59 4.63
C LEU A 11 -14.47 -10.73 6.13
N ALA A 12 -15.08 -9.68 6.71
CA ALA A 12 -15.49 -9.67 8.11
C ALA A 12 -16.48 -10.81 8.38
N ASP A 13 -17.36 -11.06 7.40
CA ASP A 13 -18.35 -12.09 7.51
C ASP A 13 -17.71 -13.47 7.30
N PHE A 14 -16.44 -13.57 6.84
CA PHE A 14 -15.94 -14.85 6.36
C PHE A 14 -15.42 -15.64 7.56
N LYS A 15 -16.35 -16.25 8.30
CA LYS A 15 -15.99 -16.92 9.52
C LYS A 15 -17.00 -18.03 9.76
N PRO A 16 -16.71 -18.95 10.71
CA PRO A 16 -17.63 -20.06 11.00
C PRO A 16 -19.07 -19.61 11.16
N GLY A 17 -19.98 -20.32 10.48
CA GLY A 17 -21.40 -20.06 10.59
C GLY A 17 -21.99 -19.25 9.44
N VAL A 18 -21.13 -18.63 8.63
CA VAL A 18 -21.57 -17.78 7.52
C VAL A 18 -22.48 -18.58 6.57
N GLN A 19 -23.53 -17.91 6.03
CA GLN A 19 -24.44 -18.54 5.08
C GLN A 19 -23.85 -18.42 3.67
N TRP A 20 -24.08 -19.45 2.83
CA TRP A 20 -23.45 -19.52 1.52
C TRP A 20 -24.34 -20.24 0.49
N GLU A 21 -23.92 -20.10 -0.75
CA GLU A 21 -24.49 -20.80 -1.91
C GLU A 21 -23.32 -21.18 -2.82
N ILE A 22 -23.42 -22.35 -3.42
CA ILE A 22 -22.48 -22.83 -4.43
C ILE A 22 -23.28 -23.19 -5.67
N CYS A 23 -22.80 -22.73 -6.83
CA CYS A 23 -23.45 -22.98 -8.11
C CYS A 23 -22.38 -22.98 -9.17
N ILE A 24 -21.85 -24.16 -9.47
CA ILE A 24 -20.76 -24.29 -10.43
C ILE A 24 -21.18 -24.99 -11.72
N HIS A 25 -22.36 -25.60 -11.79
CA HIS A 25 -22.77 -26.35 -12.96
C HIS A 25 -23.21 -25.42 -14.09
N HIS A 26 -23.77 -24.26 -13.73
CA HIS A 26 -24.20 -23.26 -14.69
C HIS A 26 -23.87 -21.88 -14.12
N PRO A 27 -23.69 -20.85 -14.98
CA PRO A 27 -23.48 -19.51 -14.45
C PRO A 27 -24.74 -19.02 -13.72
N ILE A 28 -24.53 -18.24 -12.65
CA ILE A 28 -25.65 -17.62 -11.96
C ILE A 28 -26.13 -16.43 -12.75
N LYS A 29 -27.46 -16.18 -12.66
CA LYS A 29 -28.06 -14.97 -13.19
C LYS A 29 -27.62 -13.80 -12.32
N HIS A 30 -27.37 -12.64 -12.94
CA HIS A 30 -26.75 -11.53 -12.24
C HIS A 30 -27.06 -10.19 -12.90
N ASP A 31 -28.29 -10.04 -13.41
CA ASP A 31 -28.74 -8.77 -13.96
C ASP A 31 -28.97 -7.74 -12.85
N SER A 32 -29.40 -8.19 -11.67
CA SER A 32 -29.54 -7.31 -10.52
C SER A 32 -29.37 -8.12 -9.24
N ALA A 33 -29.22 -7.42 -8.11
CA ALA A 33 -29.08 -8.07 -6.82
C ALA A 33 -30.23 -9.04 -6.53
N ALA A 34 -31.44 -8.75 -7.05
CA ALA A 34 -32.60 -9.59 -6.81
C ALA A 34 -32.46 -11.00 -7.42
N ASP A 35 -31.58 -11.16 -8.43
CA ASP A 35 -31.26 -12.49 -8.98
C ASP A 35 -30.49 -13.39 -8.03
N LEU A 36 -29.84 -12.81 -6.98
CA LEU A 36 -28.89 -13.54 -6.15
C LEU A 36 -29.64 -14.28 -5.05
N ILE A 37 -30.49 -15.19 -5.50
CA ILE A 37 -31.28 -16.07 -4.66
C ILE A 37 -30.37 -17.23 -4.30
N PRO A 38 -30.24 -17.67 -3.02
CA PRO A 38 -30.94 -17.08 -1.87
C PRO A 38 -30.23 -15.84 -1.32
N THR A 39 -31.02 -14.80 -1.00
CA THR A 39 -30.48 -13.50 -0.62
C THR A 39 -29.72 -13.57 0.71
N LYS A 40 -30.02 -14.56 1.56
CA LYS A 40 -29.31 -14.63 2.82
C LYS A 40 -27.91 -15.24 2.66
N ALA A 41 -27.57 -15.79 1.48
CA ALA A 41 -26.21 -16.28 1.28
C ALA A 41 -25.26 -15.09 1.15
N LYS A 42 -24.24 -15.04 2.01
CA LYS A 42 -23.25 -13.98 1.98
C LYS A 42 -22.02 -14.41 1.19
N VAL A 43 -21.71 -15.71 1.21
CA VAL A 43 -20.60 -16.30 0.48
C VAL A 43 -21.13 -17.02 -0.75
N TRP A 44 -20.53 -16.74 -1.92
CA TRP A 44 -20.94 -17.35 -3.18
C TRP A 44 -19.72 -18.05 -3.80
N ASP A 45 -19.87 -19.35 -4.03
CA ASP A 45 -18.87 -20.17 -4.69
C ASP A 45 -19.35 -20.43 -6.12
N ILE A 46 -18.61 -19.85 -7.06
CA ILE A 46 -18.97 -19.88 -8.48
C ILE A 46 -17.78 -20.41 -9.26
N ASP A 47 -18.05 -20.89 -10.47
CA ASP A 47 -17.00 -21.36 -11.35
C ASP A 47 -16.18 -20.17 -11.87
N MET A 48 -14.86 -20.26 -11.75
CA MET A 48 -13.99 -19.17 -12.18
C MET A 48 -14.18 -18.88 -13.67
N GLY A 49 -14.30 -19.94 -14.49
CA GLY A 49 -14.58 -19.76 -15.90
C GLY A 49 -15.88 -18.99 -16.18
N HIS A 50 -16.96 -19.36 -15.52
CA HIS A 50 -18.24 -18.66 -15.69
C HIS A 50 -18.09 -17.16 -15.35
N ALA A 51 -17.32 -16.86 -14.30
CA ALA A 51 -17.08 -15.45 -13.96
C ALA A 51 -16.35 -14.71 -15.06
N GLN A 52 -15.46 -15.37 -15.81
CA GLN A 52 -14.81 -14.73 -16.93
C GLN A 52 -15.72 -14.60 -18.15
N GLU A 53 -16.61 -15.59 -18.37
CA GLU A 53 -17.51 -15.61 -19.52
C GLU A 53 -18.58 -14.52 -19.40
N PHE A 54 -18.90 -14.13 -18.16
CA PHE A 54 -19.94 -13.16 -17.86
C PHE A 54 -19.32 -12.07 -16.99
N PRO A 55 -18.62 -11.10 -17.61
CA PRO A 55 -17.76 -10.21 -16.83
C PRO A 55 -18.40 -9.35 -15.74
N ASN A 56 -19.72 -9.14 -15.78
CA ASN A 56 -20.38 -8.39 -14.71
C ASN A 56 -20.80 -9.26 -13.54
N MET A 57 -20.51 -10.57 -13.55
CA MET A 57 -20.97 -11.45 -12.50
C MET A 57 -20.33 -11.10 -11.16
N ILE A 58 -18.99 -11.05 -11.10
CA ILE A 58 -18.32 -10.77 -9.83
C ILE A 58 -18.60 -9.31 -9.44
N PRO A 59 -18.54 -8.33 -10.34
CA PRO A 59 -18.96 -6.97 -9.97
C PRO A 59 -20.34 -6.89 -9.33
N MET A 60 -21.30 -7.66 -9.87
CA MET A 60 -22.64 -7.69 -9.30
C MET A 60 -22.61 -8.27 -7.90
N LEU A 61 -21.95 -9.43 -7.71
CA LEU A 61 -21.81 -10.01 -6.39
C LEU A 61 -21.19 -9.02 -5.38
N LYS A 62 -20.12 -8.33 -5.78
N LYS A 62 -20.12 -8.33 -5.78
CA LYS A 62 -19.44 -7.40 -4.88
CA LYS A 62 -19.44 -7.40 -4.88
C LYS A 62 -20.34 -6.21 -4.56
C LYS A 62 -20.34 -6.21 -4.56
N SER A 63 -21.13 -5.74 -5.55
CA SER A 63 -22.03 -4.61 -5.32
C SER A 63 -23.10 -4.98 -4.28
N ALA A 64 -23.44 -6.26 -4.17
CA ALA A 64 -24.42 -6.76 -3.21
C ALA A 64 -23.79 -7.23 -1.91
N GLY A 65 -22.50 -6.98 -1.73
CA GLY A 65 -21.84 -7.24 -0.45
C GLY A 65 -21.35 -8.67 -0.30
N LYS A 66 -21.22 -9.45 -1.37
CA LYS A 66 -20.93 -10.86 -1.24
C LYS A 66 -19.42 -11.11 -1.21
N PHE A 67 -19.03 -12.18 -0.52
CA PHE A 67 -17.68 -12.70 -0.57
C PHE A 67 -17.64 -13.80 -1.63
N VAL A 68 -16.68 -13.71 -2.55
CA VAL A 68 -16.71 -14.53 -3.74
C VAL A 68 -15.58 -15.55 -3.70
N ILE A 69 -15.98 -16.83 -3.79
CA ILE A 69 -15.06 -17.95 -3.91
C ILE A 69 -15.11 -18.45 -5.35
N CYS A 70 -13.94 -18.62 -5.98
CA CYS A 70 -13.83 -19.12 -7.35
C CYS A 70 -13.37 -20.57 -7.37
N TYR A 71 -14.25 -21.44 -7.83
CA TYR A 71 -13.97 -22.85 -8.03
C TYR A 71 -13.05 -23.03 -9.23
N PHE A 72 -12.08 -23.94 -9.10
CA PHE A 72 -11.33 -24.43 -10.23
C PHE A 72 -10.85 -25.84 -9.88
N ASN A 73 -10.32 -26.54 -10.88
CA ASN A 73 -9.98 -27.94 -10.74
C ASN A 73 -8.45 -28.03 -10.60
N ALA A 74 -7.95 -28.21 -9.38
CA ALA A 74 -6.52 -28.20 -9.09
C ALA A 74 -5.86 -29.55 -9.37
N GLY A 75 -6.59 -30.63 -9.18
CA GLY A 75 -6.04 -31.96 -9.23
C GLY A 75 -6.36 -32.71 -10.51
N ALA A 76 -7.19 -32.13 -11.40
CA ALA A 76 -7.56 -32.80 -12.64
C ALA A 76 -7.68 -31.78 -13.77
N LEU A 77 -7.33 -32.24 -14.95
CA LEU A 77 -7.42 -31.47 -16.19
C LEU A 77 -8.74 -31.83 -16.86
N GLN A 78 -9.36 -30.84 -17.52
CA GLN A 78 -10.64 -31.05 -18.18
C GLN A 78 -10.50 -30.73 -19.67
N ASP A 79 -11.25 -31.48 -20.50
CA ASP A 79 -11.16 -31.38 -21.94
C ASP A 79 -11.46 -29.96 -22.45
N TRP A 80 -12.32 -29.23 -21.77
CA TRP A 80 -12.70 -27.87 -22.15
C TRP A 80 -11.81 -26.77 -21.56
N ASP A 81 -10.78 -27.09 -20.73
CA ASP A 81 -9.97 -26.04 -20.13
C ASP A 81 -9.26 -25.22 -21.20
N ASP A 82 -9.28 -23.89 -21.06
CA ASP A 82 -8.67 -22.97 -22.01
C ASP A 82 -7.16 -23.24 -22.14
N ASP A 83 -6.53 -23.73 -21.07
CA ASP A 83 -5.09 -23.94 -21.00
C ASP A 83 -4.70 -25.42 -21.20
N LYS A 84 -5.61 -26.26 -21.70
CA LYS A 84 -5.39 -27.69 -21.74
C LYS A 84 -4.15 -28.03 -22.57
N SER A 85 -3.93 -27.33 -23.68
CA SER A 85 -2.86 -27.64 -24.60
C SER A 85 -1.48 -27.37 -23.99
N LYS A 86 -1.44 -26.64 -22.86
CA LYS A 86 -0.17 -26.28 -22.23
C LYS A 86 0.33 -27.39 -21.30
N PHE A 87 -0.54 -28.34 -20.94
CA PHE A 87 -0.19 -29.41 -20.01
C PHE A 87 0.47 -30.53 -20.77
N PRO A 88 1.72 -30.95 -20.42
CA PRO A 88 2.35 -32.08 -21.12
C PRO A 88 1.64 -33.38 -20.84
N LYS A 89 1.69 -34.30 -21.81
CA LYS A 89 1.08 -35.61 -21.66
C LYS A 89 1.63 -36.33 -20.42
N GLU A 90 2.90 -36.11 -20.09
CA GLU A 90 3.52 -36.82 -18.98
C GLU A 90 2.92 -36.52 -17.62
N VAL A 91 2.20 -35.39 -17.46
CA VAL A 91 1.61 -35.07 -16.16
C VAL A 91 0.10 -35.40 -16.13
N ILE A 92 -0.43 -35.97 -17.21
CA ILE A 92 -1.84 -36.31 -17.32
C ILE A 92 -1.98 -37.80 -17.08
N GLY A 93 -2.75 -38.17 -16.06
CA GLY A 93 -2.91 -39.54 -15.65
C GLY A 93 -4.28 -40.10 -16.00
N HIS A 94 -4.77 -40.99 -15.15
CA HIS A 94 -5.96 -41.74 -15.46
C HIS A 94 -7.17 -40.82 -15.50
N SER A 95 -8.06 -41.20 -16.42
CA SER A 95 -9.40 -40.68 -16.50
C SER A 95 -10.06 -40.81 -15.15
N LEU A 96 -10.92 -39.84 -14.79
CA LEU A 96 -11.68 -39.97 -13.55
C LEU A 96 -12.70 -41.12 -13.65
N SER A 97 -12.92 -41.74 -14.84
CA SER A 97 -13.60 -43.04 -15.02
C SER A 97 -12.74 -44.16 -15.66
N TYR A 98 -11.43 -44.11 -15.45
CA TYR A 98 -10.48 -45.16 -15.84
C TYR A 98 -11.08 -46.52 -15.51
N PRO A 99 -11.07 -47.53 -16.42
CA PRO A 99 -10.33 -47.50 -17.70
C PRO A 99 -10.95 -46.78 -18.89
N TYR A 100 -12.15 -46.20 -18.71
CA TYR A 100 -12.84 -45.50 -19.79
C TYR A 100 -12.25 -44.10 -19.96
N ASP A 101 -11.99 -43.72 -21.23
CA ASP A 101 -11.70 -42.35 -21.61
C ASP A 101 -12.86 -41.46 -21.15
N SER A 102 -12.55 -40.20 -20.82
CA SER A 102 -13.57 -39.26 -20.43
C SER A 102 -13.08 -37.85 -20.75
N GLU A 103 -13.73 -36.83 -20.17
CA GLU A 103 -13.31 -35.47 -20.39
C GLU A 103 -12.50 -34.95 -19.19
N GLU A 104 -12.14 -35.82 -18.22
CA GLU A 104 -11.41 -35.37 -17.05
C GLU A 104 -10.36 -36.40 -16.62
N TRP A 105 -9.13 -35.91 -16.33
CA TRP A 105 -7.98 -36.76 -16.07
C TRP A 105 -7.20 -36.18 -14.88
N TYR A 106 -6.75 -37.06 -13.98
CA TYR A 106 -5.97 -36.62 -12.83
C TYR A 106 -4.60 -36.10 -13.29
N LEU A 107 -4.08 -35.11 -12.54
CA LEU A 107 -2.77 -34.52 -12.79
C LEU A 107 -1.74 -35.04 -11.81
N ASP A 108 -0.49 -35.10 -12.26
CA ASP A 108 0.62 -35.37 -11.37
C ASP A 108 0.97 -34.08 -10.65
N ILE A 109 0.39 -33.89 -9.47
CA ILE A 109 0.50 -32.62 -8.73
C ILE A 109 1.82 -32.52 -7.97
N ARG A 110 2.74 -33.48 -8.13
CA ARG A 110 4.12 -33.28 -7.70
C ARG A 110 4.90 -32.42 -8.68
N ASP A 111 4.43 -32.31 -9.93
CA ASP A 111 5.26 -31.81 -11.01
C ASP A 111 5.28 -30.28 -11.05
N SER A 112 6.49 -29.71 -11.23
CA SER A 112 6.67 -28.26 -11.21
C SER A 112 5.88 -27.57 -12.33
N ARG A 113 5.69 -28.28 -13.46
CA ARG A 113 5.00 -27.71 -14.61
C ARG A 113 3.52 -27.55 -14.27
N VAL A 114 2.97 -28.50 -13.51
CA VAL A 114 1.58 -28.41 -13.10
C VAL A 114 1.41 -27.22 -12.15
N LEU A 115 2.30 -27.10 -11.18
CA LEU A 115 2.26 -25.98 -10.25
C LEU A 115 2.28 -24.65 -11.01
N GLU A 116 3.17 -24.48 -12.00
N GLU A 116 3.17 -24.48 -12.00
CA GLU A 116 3.29 -23.22 -12.74
CA GLU A 116 3.29 -23.23 -12.73
C GLU A 116 1.97 -22.90 -13.42
C GLU A 116 1.97 -22.90 -13.42
N LEU A 117 1.36 -23.90 -14.07
CA LEU A 117 0.11 -23.67 -14.78
C LEU A 117 -1.02 -23.33 -13.80
N GLN A 118 -1.05 -23.99 -12.65
CA GLN A 118 -2.10 -23.76 -11.67
C GLN A 118 -1.93 -22.39 -11.01
N THR A 119 -0.70 -21.93 -10.82
CA THR A 119 -0.50 -20.60 -10.25
C THR A 119 -0.93 -19.52 -11.24
N ALA A 120 -0.83 -19.77 -12.57
CA ALA A 120 -1.34 -18.80 -13.52
C ALA A 120 -2.86 -18.70 -13.40
N ARG A 121 -3.54 -19.80 -13.04
CA ARG A 121 -4.98 -19.74 -12.78
C ARG A 121 -5.26 -18.90 -11.52
N LEU A 122 -4.44 -19.02 -10.48
CA LEU A 122 -4.58 -18.18 -9.29
C LEU A 122 -4.43 -16.71 -9.64
N ASP A 123 -3.50 -16.37 -10.54
CA ASP A 123 -3.35 -14.99 -11.04
C ASP A 123 -4.67 -14.49 -11.65
N ILE A 124 -5.35 -15.33 -12.44
CA ILE A 124 -6.62 -14.96 -13.03
C ILE A 124 -7.65 -14.72 -11.92
N ALA A 125 -7.72 -15.63 -10.94
CA ALA A 125 -8.68 -15.48 -9.85
C ALA A 125 -8.50 -14.13 -9.16
N ALA A 126 -7.25 -13.77 -8.89
CA ALA A 126 -6.94 -12.50 -8.26
C ALA A 126 -7.34 -11.33 -9.17
N LYS A 127 -7.03 -11.41 -10.46
CA LYS A 127 -7.33 -10.31 -11.38
C LYS A 127 -8.85 -10.06 -11.52
N ILE A 128 -9.67 -11.12 -11.51
CA ILE A 128 -11.09 -10.97 -11.89
C ILE A 128 -11.98 -10.62 -10.70
N GLY A 129 -11.45 -10.60 -9.48
CA GLY A 129 -12.25 -10.17 -8.33
C GLY A 129 -12.57 -11.27 -7.32
N CYS A 130 -12.11 -12.50 -7.54
CA CYS A 130 -12.31 -13.55 -6.56
C CYS A 130 -11.63 -13.15 -5.23
N ASP A 131 -12.31 -13.40 -4.11
CA ASP A 131 -11.69 -13.25 -2.80
C ASP A 131 -10.91 -14.48 -2.36
N ALA A 132 -11.28 -15.64 -2.93
CA ALA A 132 -10.77 -16.93 -2.52
C ALA A 132 -10.92 -17.91 -3.69
N VAL A 133 -10.23 -19.04 -3.59
CA VAL A 133 -10.36 -20.14 -4.53
C VAL A 133 -10.70 -21.43 -3.78
N ASP A 134 -11.44 -22.28 -4.49
CA ASP A 134 -11.89 -23.59 -4.05
C ASP A 134 -11.30 -24.65 -4.98
N PRO A 135 -10.09 -25.17 -4.69
CA PRO A 135 -9.38 -26.08 -5.61
C PRO A 135 -9.86 -27.53 -5.48
N ASP A 136 -10.28 -28.10 -6.60
CA ASP A 136 -10.90 -29.42 -6.59
C ASP A 136 -9.88 -30.55 -6.76
N ASN A 137 -10.30 -31.74 -6.36
CA ASN A 137 -9.64 -33.01 -6.69
C ASN A 137 -8.23 -33.09 -6.11
N VAL A 138 -8.09 -32.83 -4.80
CA VAL A 138 -6.81 -32.88 -4.10
C VAL A 138 -6.81 -34.02 -3.11
N ASP A 139 -7.43 -35.16 -3.49
CA ASP A 139 -7.65 -36.28 -2.56
C ASP A 139 -7.39 -37.63 -3.21
N ALA A 140 -6.64 -37.68 -4.31
CA ALA A 140 -6.55 -38.88 -5.14
C ALA A 140 -5.23 -39.64 -5.00
N TRP A 141 -4.69 -39.67 -3.78
CA TRP A 141 -3.51 -40.47 -3.49
C TRP A 141 -3.88 -41.95 -3.51
N GLN A 142 -2.87 -42.78 -3.71
CA GLN A 142 -3.03 -44.24 -3.68
C GLN A 142 -3.47 -44.66 -2.29
N GLN A 143 -4.53 -45.48 -2.20
CA GLN A 143 -5.09 -45.92 -0.93
C GLN A 143 -5.41 -47.41 -1.07
N ASP A 144 -4.90 -48.23 -0.14
CA ASP A 144 -5.27 -49.64 -0.05
C ASP A 144 -5.03 -50.34 -1.39
N ASP A 145 -3.85 -50.08 -1.98
CA ASP A 145 -3.40 -50.71 -3.22
C ASP A 145 -4.32 -50.41 -4.42
N GLU A 146 -5.07 -49.29 -4.37
CA GLU A 146 -5.85 -48.77 -5.50
C GLU A 146 -5.34 -47.34 -5.77
N ASP A 147 -4.98 -47.07 -7.03
CA ASP A 147 -4.27 -45.86 -7.41
C ASP A 147 -5.13 -45.08 -8.39
N PRO A 148 -5.86 -44.04 -7.97
CA PRO A 148 -6.71 -43.28 -8.89
C PRO A 148 -6.00 -42.59 -10.06
N THR A 149 -4.77 -42.12 -9.86
CA THR A 149 -4.16 -41.21 -10.82
C THR A 149 -3.25 -41.96 -11.78
N GLY A 150 -2.66 -43.07 -11.32
CA GLY A 150 -1.59 -43.72 -12.03
C GLY A 150 -0.18 -43.29 -11.61
N PHE A 151 -0.07 -42.22 -10.80
CA PHE A 151 1.23 -41.69 -10.41
C PHE A 151 1.65 -42.19 -9.02
N LYS A 152 0.86 -43.05 -8.37
CA LYS A 152 1.19 -43.63 -7.07
C LYS A 152 1.48 -42.52 -6.06
N LEU A 153 0.63 -41.49 -6.03
CA LEU A 153 0.82 -40.35 -5.16
C LEU A 153 0.54 -40.72 -3.71
N LYS A 154 1.20 -40.01 -2.79
CA LYS A 154 1.00 -40.16 -1.35
C LYS A 154 0.15 -38.99 -0.86
N SER A 155 -0.53 -39.18 0.28
CA SER A 155 -1.33 -38.08 0.80
C SER A 155 -0.46 -36.86 1.03
N SER A 156 0.79 -37.04 1.48
CA SER A 156 1.68 -35.91 1.70
C SER A 156 2.01 -35.13 0.42
N ASP A 157 1.95 -35.78 -0.75
CA ASP A 157 2.10 -35.05 -2.00
C ASP A 157 0.99 -34.00 -2.19
N TYR A 158 -0.24 -34.34 -1.80
CA TYR A 158 -1.34 -33.38 -1.88
C TYR A 158 -1.18 -32.30 -0.83
N THR A 159 -0.73 -32.64 0.39
CA THR A 159 -0.45 -31.62 1.39
C THR A 159 0.58 -30.61 0.85
N ASN A 160 1.69 -31.11 0.28
CA ASN A 160 2.74 -30.25 -0.26
C ASN A 160 2.23 -29.37 -1.41
N TYR A 161 1.44 -29.96 -2.30
CA TYR A 161 0.88 -29.22 -3.42
C TYR A 161 -0.01 -28.08 -2.93
N LEU A 162 -0.92 -28.39 -1.98
CA LEU A 162 -1.82 -27.37 -1.47
C LEU A 162 -1.02 -26.29 -0.73
N LYS A 163 0.03 -26.67 -0.01
CA LYS A 163 0.89 -25.67 0.62
C LYS A 163 1.53 -24.78 -0.42
N ASN A 164 1.93 -25.33 -1.57
CA ASN A 164 2.50 -24.54 -2.65
C ASN A 164 1.49 -23.60 -3.29
N LEU A 165 0.26 -24.07 -3.51
CA LEU A 165 -0.81 -23.23 -4.04
C LEU A 165 -1.07 -22.09 -3.03
N ALA A 166 -1.15 -22.44 -1.74
CA ALA A 166 -1.45 -21.43 -0.72
C ALA A 166 -0.33 -20.39 -0.60
N LYS A 167 0.93 -20.84 -0.65
CA LYS A 167 2.07 -19.93 -0.58
C LYS A 167 1.96 -18.90 -1.71
N TYR A 168 1.58 -19.35 -2.91
CA TYR A 168 1.45 -18.44 -4.04
C TYR A 168 0.27 -17.47 -3.83
N ALA A 169 -0.90 -17.98 -3.50
CA ALA A 169 -2.11 -17.17 -3.32
C ALA A 169 -1.91 -16.14 -2.22
N HIS A 170 -1.22 -16.55 -1.14
CA HIS A 170 -1.01 -15.67 0.01
C HIS A 170 0.04 -14.61 -0.26
N SER A 171 0.65 -14.61 -1.47
CA SER A 171 1.61 -13.62 -1.90
C SER A 171 1.07 -12.64 -2.92
N ILE A 172 -0.21 -12.75 -3.30
CA ILE A 172 -0.83 -11.86 -4.27
C ILE A 172 -2.14 -11.30 -3.72
N LYS A 173 -2.48 -10.08 -4.12
CA LYS A 173 -3.66 -9.44 -3.59
C LYS A 173 -4.85 -9.60 -4.54
N THR A 174 -6.03 -9.55 -3.94
CA THR A 174 -7.30 -9.54 -4.61
C THR A 174 -7.65 -8.11 -5.02
N LYS A 175 -8.77 -8.00 -5.76
CA LYS A 175 -9.24 -6.68 -6.13
C LYS A 175 -9.71 -5.85 -4.94
N ASP A 176 -10.07 -6.50 -3.84
CA ASP A 176 -10.45 -5.82 -2.62
C ASP A 176 -9.23 -5.54 -1.73
N GLY A 177 -8.03 -5.86 -2.25
CA GLY A 177 -6.79 -5.40 -1.66
C GLY A 177 -6.24 -6.29 -0.53
N GLN A 178 -6.70 -7.54 -0.42
CA GLN A 178 -6.28 -8.47 0.62
C GLN A 178 -5.65 -9.70 -0.03
N PRO A 179 -4.97 -10.57 0.73
CA PRO A 179 -4.39 -11.80 0.18
C PRO A 179 -5.48 -12.70 -0.38
N LEU A 180 -5.18 -13.42 -1.49
CA LEU A 180 -6.11 -14.42 -2.01
C LEU A 180 -6.13 -15.65 -1.10
N LEU A 181 -7.35 -16.07 -0.68
CA LEU A 181 -7.54 -17.20 0.23
C LEU A 181 -7.71 -18.50 -0.55
N VAL A 182 -7.41 -19.62 0.11
CA VAL A 182 -7.39 -20.94 -0.50
C VAL A 182 -8.07 -21.94 0.43
N GLY A 183 -9.01 -22.69 -0.13
CA GLY A 183 -9.74 -23.70 0.63
C GLY A 183 -9.16 -25.10 0.49
N GLN A 184 -9.49 -25.95 1.46
CA GLN A 184 -9.30 -27.39 1.40
C GLN A 184 -10.59 -28.04 0.93
N LYS A 185 -10.50 -28.83 -0.15
CA LYS A 185 -11.66 -29.58 -0.65
C LYS A 185 -11.54 -31.03 -0.22
N ASN A 186 -12.46 -31.47 0.68
CA ASN A 186 -12.44 -32.86 1.15
C ASN A 186 -11.04 -33.21 1.69
N ALA A 187 -10.57 -34.44 1.42
CA ALA A 187 -9.28 -34.92 1.90
C ALA A 187 -9.19 -34.85 3.42
N PRO A 188 -10.12 -35.46 4.17
CA PRO A 188 -10.09 -35.36 5.63
C PRO A 188 -8.78 -35.82 6.28
N GLU A 189 -8.09 -36.80 5.66
CA GLU A 189 -6.90 -37.38 6.26
C GLU A 189 -5.78 -36.36 6.45
N ILE A 190 -5.80 -35.27 5.67
CA ILE A 190 -4.75 -34.26 5.73
C ILE A 190 -5.27 -32.93 6.25
N ALA A 191 -6.50 -32.87 6.77
CA ALA A 191 -6.97 -31.63 7.39
C ALA A 191 -6.04 -31.16 8.51
N GLU A 192 -5.59 -32.06 9.40
N GLU A 192 -5.59 -32.07 9.39
CA GLU A 192 -4.76 -31.62 10.52
CA GLU A 192 -4.75 -31.69 10.52
C GLU A 192 -3.43 -31.06 10.01
C GLU A 192 -3.44 -31.08 10.01
N ASP A 193 -2.95 -31.55 8.85
CA ASP A 193 -1.70 -31.07 8.28
C ASP A 193 -1.83 -29.75 7.52
N LEU A 194 -3.08 -29.34 7.19
CA LEU A 194 -3.33 -28.18 6.36
C LEU A 194 -4.03 -27.02 7.04
N VAL A 195 -4.65 -27.24 8.21
CA VAL A 195 -5.49 -26.23 8.84
C VAL A 195 -4.74 -24.92 9.14
N SER A 196 -3.45 -25.00 9.46
N SER A 196 -3.44 -25.00 9.47
CA SER A 196 -2.69 -23.78 9.72
CA SER A 196 -2.71 -23.77 9.74
C SER A 196 -2.45 -22.99 8.44
C SER A 196 -2.45 -23.00 8.44
N THR A 197 -2.38 -23.71 7.32
CA THR A 197 -2.01 -23.11 6.04
C THR A 197 -3.23 -22.56 5.31
N LEU A 198 -4.26 -23.38 5.15
CA LEU A 198 -5.41 -23.04 4.32
C LEU A 198 -6.44 -22.26 5.12
N ASP A 199 -7.39 -21.64 4.43
CA ASP A 199 -8.20 -20.56 4.98
C ASP A 199 -9.65 -20.98 5.31
N PHE A 200 -10.08 -22.15 4.83
CA PHE A 200 -11.43 -22.65 4.99
C PHE A 200 -11.45 -24.04 4.38
N ALA A 201 -12.60 -24.72 4.51
CA ALA A 201 -12.78 -26.04 3.92
C ALA A 201 -14.11 -26.08 3.20
N VAL A 202 -14.14 -26.87 2.12
CA VAL A 202 -15.37 -27.18 1.40
C VAL A 202 -15.50 -28.70 1.39
N LEU A 203 -16.61 -29.22 1.94
CA LEU A 203 -16.77 -30.65 2.11
C LEU A 203 -17.95 -31.16 1.29
N GLU A 204 -17.84 -32.41 0.82
CA GLU A 204 -18.95 -33.14 0.20
C GLU A 204 -19.16 -34.43 0.99
N SER A 205 -20.39 -34.63 1.46
CA SER A 205 -20.78 -35.87 2.07
C SER A 205 -19.92 -36.22 3.29
N CYS A 206 -19.60 -35.20 4.12
CA CYS A 206 -18.92 -35.49 5.39
C CYS A 206 -19.79 -36.38 6.28
N ARG A 207 -21.13 -36.25 6.16
CA ARG A 207 -22.02 -37.10 6.95
C ARG A 207 -22.11 -38.54 6.44
N GLY A 208 -21.49 -38.85 5.31
CA GLY A 208 -21.46 -40.18 4.76
C GLY A 208 -22.62 -40.34 3.77
N ASN A 209 -23.30 -41.46 3.86
CA ASN A 209 -24.39 -41.77 2.93
C ASN A 209 -25.50 -42.49 3.67
N SER A 210 -26.76 -42.06 3.47
CA SER A 210 -27.89 -42.65 4.17
C SER A 210 -28.15 -44.10 3.71
N ASP A 211 -27.64 -44.49 2.55
CA ASP A 211 -27.56 -45.90 2.19
C ASP A 211 -26.34 -46.49 2.88
N PRO A 212 -26.48 -47.32 3.92
CA PRO A 212 -25.30 -47.78 4.65
C PRO A 212 -24.40 -48.72 3.86
N ASN A 213 -24.89 -49.26 2.71
CA ASN A 213 -24.11 -50.12 1.83
C ASN A 213 -23.20 -49.33 0.89
N GLU A 214 -23.34 -48.02 0.82
CA GLU A 214 -22.36 -47.15 0.13
C GLU A 214 -21.07 -47.06 0.95
N GLU A 215 -19.90 -47.11 0.28
CA GLU A 215 -18.64 -46.98 0.99
C GLU A 215 -18.46 -45.47 1.19
N SER A 216 -18.76 -44.99 2.40
CA SER A 216 -18.86 -43.55 2.62
C SER A 216 -18.66 -43.25 4.11
N TRP A 217 -17.41 -43.38 4.59
CA TRP A 217 -17.20 -43.24 6.02
C TRP A 217 -17.36 -41.79 6.40
N PRO A 218 -18.15 -41.45 7.43
CA PRO A 218 -18.31 -40.05 7.82
C PRO A 218 -17.00 -39.42 8.27
N PHE A 219 -16.84 -38.11 8.00
CA PHE A 219 -15.60 -37.44 8.31
C PHE A 219 -15.79 -35.99 8.75
N CYS A 220 -17.03 -35.58 9.10
CA CYS A 220 -17.23 -34.19 9.51
C CYS A 220 -16.31 -33.82 10.69
N GLU A 221 -16.11 -34.76 11.62
CA GLU A 221 -15.33 -34.48 12.83
C GLU A 221 -13.89 -34.06 12.50
N ASP A 222 -13.35 -34.50 11.37
CA ASP A 222 -11.99 -34.17 10.98
C ASP A 222 -11.83 -32.68 10.61
N PHE A 223 -12.95 -31.95 10.44
CA PHE A 223 -12.86 -30.54 10.09
C PHE A 223 -13.25 -29.62 11.23
N GLN A 224 -13.52 -30.14 12.42
CA GLN A 224 -13.71 -29.29 13.60
C GLN A 224 -12.48 -28.42 13.87
N THR A 225 -11.29 -28.91 13.49
CA THR A 225 -10.05 -28.16 13.65
C THR A 225 -10.09 -26.84 12.89
N TYR A 226 -10.79 -26.78 11.74
CA TYR A 226 -10.97 -25.50 11.06
C TYR A 226 -11.84 -24.53 11.84
N ILE A 227 -12.96 -25.03 12.40
CA ILE A 227 -13.81 -24.19 13.25
C ILE A 227 -13.02 -23.63 14.44
N ASP A 228 -12.15 -24.47 15.04
CA ASP A 228 -11.29 -24.09 16.16
C ASP A 228 -10.34 -22.93 15.77
N ALA A 229 -9.97 -22.89 14.49
CA ALA A 229 -9.06 -21.88 13.94
C ALA A 229 -9.80 -20.63 13.50
N GLY A 230 -11.14 -20.59 13.63
CA GLY A 230 -11.87 -19.41 13.17
C GLY A 230 -12.00 -19.41 11.64
N LYS A 231 -12.03 -20.59 11.02
CA LYS A 231 -12.08 -20.74 9.56
C LYS A 231 -13.38 -21.46 9.20
N PRO A 232 -14.18 -20.93 8.24
CA PRO A 232 -15.45 -21.57 7.90
C PRO A 232 -15.28 -22.96 7.30
N VAL A 233 -16.28 -23.81 7.56
CA VAL A 233 -16.39 -25.11 6.93
C VAL A 233 -17.68 -25.10 6.14
N LEU A 234 -17.54 -25.11 4.82
CA LEU A 234 -18.66 -24.97 3.90
C LEU A 234 -19.05 -26.38 3.50
N GLN A 235 -20.18 -26.84 4.02
CA GLN A 235 -20.53 -28.27 4.03
C GLN A 235 -21.66 -28.57 3.03
N ILE A 236 -21.36 -29.39 2.01
CA ILE A 236 -22.34 -29.82 1.02
C ILE A 236 -22.79 -31.23 1.32
N GLU A 237 -24.11 -31.44 1.37
CA GLU A 237 -24.67 -32.79 1.46
C GLU A 237 -25.59 -33.02 0.25
N TYR A 238 -25.57 -34.26 -0.25
CA TYR A 238 -26.30 -34.70 -1.43
C TYR A 238 -27.20 -35.87 -1.01
N PRO A 239 -28.38 -35.60 -0.44
CA PRO A 239 -29.29 -36.69 -0.07
C PRO A 239 -29.63 -37.47 -1.32
N PRO A 240 -29.45 -38.81 -1.36
CA PRO A 240 -29.70 -39.62 -2.56
C PRO A 240 -31.09 -39.44 -3.17
N SER A 241 -32.08 -39.20 -2.32
CA SER A 241 -33.46 -39.00 -2.74
C SER A 241 -33.61 -37.83 -3.71
N VAL A 242 -32.75 -36.82 -3.64
CA VAL A 242 -32.94 -35.64 -4.49
C VAL A 242 -32.68 -36.02 -5.95
N GLU A 243 -31.53 -36.62 -6.23
CA GLU A 243 -31.20 -37.00 -7.60
C GLU A 243 -32.26 -37.97 -8.16
N LYS A 244 -32.79 -38.85 -7.31
CA LYS A 244 -33.76 -39.84 -7.73
C LYS A 244 -35.18 -39.29 -7.94
N THR A 245 -35.64 -38.40 -7.04
CA THR A 245 -37.05 -38.02 -6.97
C THR A 245 -37.28 -36.51 -7.14
N GLY A 246 -36.23 -35.70 -7.03
CA GLY A 246 -36.31 -34.25 -7.07
C GLY A 246 -36.62 -33.62 -5.71
N LYS A 247 -36.73 -34.43 -4.63
CA LYS A 247 -37.09 -33.93 -3.30
C LYS A 247 -36.31 -34.70 -2.23
N VAL A 248 -36.07 -34.04 -1.09
CA VAL A 248 -35.38 -34.66 0.04
C VAL A 248 -36.42 -35.50 0.78
N SER A 249 -36.22 -36.82 0.86
CA SER A 249 -37.14 -37.68 1.60
C SER A 249 -37.10 -37.35 3.09
N ALA A 250 -38.14 -37.79 3.80
CA ALA A 250 -38.22 -37.56 5.23
C ALA A 250 -37.03 -38.24 5.94
N SER A 251 -36.70 -39.47 5.53
CA SER A 251 -35.60 -40.19 6.13
C SER A 251 -34.26 -39.51 5.83
N ASP A 252 -34.09 -38.95 4.62
CA ASP A 252 -32.85 -38.26 4.28
C ASP A 252 -32.73 -36.95 5.06
N ASN A 253 -33.85 -36.26 5.27
CA ASN A 253 -33.81 -35.05 6.08
C ASN A 253 -33.32 -35.37 7.49
N LYS A 254 -33.79 -36.48 8.07
CA LYS A 254 -33.33 -36.89 9.39
C LYS A 254 -31.83 -37.18 9.36
N TYR A 255 -31.37 -37.93 8.34
CA TYR A 255 -29.98 -38.36 8.27
C TYR A 255 -29.02 -37.16 8.14
N TYR A 256 -29.37 -36.21 7.27
CA TYR A 256 -28.47 -35.11 6.92
C TYR A 256 -28.67 -33.85 7.75
N CYS A 257 -29.86 -33.61 8.32
CA CYS A 257 -30.16 -32.33 8.97
C CYS A 257 -30.26 -32.42 10.50
N THR A 258 -30.52 -33.59 11.09
CA THR A 258 -30.64 -33.68 12.56
C THR A 258 -29.30 -33.28 13.20
N ALA A 259 -29.36 -32.37 14.17
CA ALA A 259 -28.19 -31.81 14.83
C ALA A 259 -27.31 -32.94 15.38
N GLU A 260 -26.01 -32.81 15.13
CA GLU A 260 -25.02 -33.75 15.62
C GLU A 260 -23.76 -32.96 15.96
N ASP A 261 -22.98 -33.45 16.91
CA ASP A 261 -21.76 -32.74 17.31
C ASP A 261 -20.74 -32.61 16.17
N GLU A 262 -20.64 -33.63 15.32
CA GLU A 262 -19.51 -33.74 14.41
C GLU A 262 -19.44 -32.61 13.37
N ASP A 263 -20.62 -32.09 12.93
CA ASP A 263 -20.66 -30.97 11.99
C ASP A 263 -21.22 -29.70 12.64
N LYS A 264 -21.24 -29.64 13.97
CA LYS A 264 -21.64 -28.42 14.65
C LYS A 264 -20.77 -27.25 14.21
N GLY A 265 -21.41 -26.14 13.84
CA GLY A 265 -20.70 -24.93 13.46
C GLY A 265 -20.36 -24.85 11.98
N PHE A 266 -20.60 -25.94 11.24
CA PHE A 266 -20.38 -25.92 9.80
C PHE A 266 -21.51 -25.13 9.16
N SER A 267 -21.23 -24.68 7.94
CA SER A 267 -22.24 -24.01 7.11
C SER A 267 -22.84 -25.02 6.14
N LYS A 268 -23.98 -25.64 6.51
CA LYS A 268 -24.49 -26.77 5.76
C LYS A 268 -25.50 -26.34 4.68
N ILE A 269 -25.35 -26.92 3.49
CA ILE A 269 -26.30 -26.74 2.39
C ILE A 269 -26.55 -28.11 1.75
N ILE A 270 -27.82 -28.33 1.36
CA ILE A 270 -28.21 -29.49 0.59
C ILE A 270 -28.26 -29.11 -0.90
N LYS A 271 -27.64 -29.95 -1.72
CA LYS A 271 -27.55 -29.75 -3.15
C LYS A 271 -27.95 -31.05 -3.87
N TRP A 272 -28.10 -30.94 -5.21
CA TRP A 272 -28.73 -31.99 -6.00
C TRP A 272 -27.84 -33.22 -6.15
N ALA A 273 -26.59 -33.06 -6.60
CA ALA A 273 -25.65 -34.15 -6.87
C ALA A 273 -24.28 -33.52 -7.14
N SER A 274 -23.20 -34.27 -6.89
N SER A 274 -23.19 -34.26 -6.88
CA SER A 274 -21.86 -33.73 -7.04
CA SER A 274 -21.85 -33.71 -7.05
C SER A 274 -21.60 -33.36 -8.51
C SER A 274 -21.60 -33.35 -8.52
N ALA A 275 -22.18 -34.11 -9.43
CA ALA A 275 -22.10 -33.82 -10.87
C ALA A 275 -23.19 -32.83 -11.32
N GLN A 276 -23.99 -32.28 -10.41
CA GLN A 276 -25.01 -31.30 -10.77
C GLN A 276 -25.17 -30.25 -9.66
N LEU A 277 -24.08 -29.50 -9.41
CA LEU A 277 -24.04 -28.43 -8.45
C LEU A 277 -24.61 -27.19 -9.12
N ASP A 278 -25.91 -27.26 -9.39
CA ASP A 278 -26.65 -26.24 -10.09
C ASP A 278 -27.26 -25.30 -9.05
N GLY A 279 -28.26 -24.52 -9.44
CA GLY A 279 -28.82 -23.50 -8.57
C GLY A 279 -29.77 -24.03 -7.51
N TRP A 280 -30.26 -25.27 -7.66
CA TRP A 280 -31.16 -25.86 -6.71
C TRP A 280 -30.42 -26.02 -5.39
N GLY A 281 -31.11 -25.74 -4.29
CA GLY A 281 -30.50 -25.94 -2.99
C GLY A 281 -31.51 -25.86 -1.88
N GLN A 282 -31.09 -26.28 -0.68
CA GLN A 282 -31.98 -26.25 0.45
C GLN A 282 -31.16 -26.12 1.73
N TYR A 283 -31.66 -25.28 2.65
CA TYR A 283 -31.11 -25.23 4.00
C TYR A 283 -31.99 -26.11 4.88
N CYS A 284 -31.34 -26.73 5.88
CA CYS A 284 -32.07 -27.50 6.88
C CYS A 284 -33.11 -26.60 7.54
N GLY A 285 -34.32 -27.12 7.67
CA GLY A 285 -35.45 -26.45 8.30
C GLY A 285 -36.15 -25.47 7.35
N GLU A 286 -35.87 -25.53 6.04
CA GLU A 286 -36.48 -24.61 5.10
C GLU A 286 -36.89 -25.40 3.85
N GLU A 287 -37.84 -24.81 3.10
CA GLU A 287 -38.15 -25.25 1.75
C GLU A 287 -36.97 -24.98 0.84
N PRO A 288 -36.86 -25.71 -0.30
CA PRO A 288 -35.81 -25.43 -1.25
C PRO A 288 -35.91 -24.04 -1.88
N PHE A 289 -34.81 -23.66 -2.53
CA PHE A 289 -34.70 -22.49 -3.39
C PHE A 289 -34.06 -22.91 -4.71
N ARG A 290 -33.98 -21.95 -5.64
CA ARG A 290 -33.23 -22.17 -6.87
C ARG A 290 -32.56 -20.86 -7.28
N THR A 291 -31.24 -20.85 -7.29
CA THR A 291 -30.50 -19.75 -7.92
C THR A 291 -30.75 -19.83 -9.43
N PRO A 292 -31.31 -18.77 -10.05
CA PRO A 292 -31.55 -18.79 -11.49
C PRO A 292 -30.24 -18.79 -12.28
N ALA A 293 -30.31 -19.26 -13.52
CA ALA A 293 -29.19 -19.33 -14.43
C ALA A 293 -29.13 -18.13 -15.37
N ALA A 294 -27.91 -17.68 -15.65
CA ALA A 294 -27.65 -16.80 -16.78
C ALA A 294 -27.87 -17.55 -18.09
N LYS A 295 -28.20 -16.81 -19.15
CA LYS A 295 -28.42 -17.39 -20.46
C LYS A 295 -27.23 -17.08 -21.36
N TYR A 296 -26.71 -18.09 -22.07
CA TYR A 296 -25.66 -17.89 -23.08
C TYR A 296 -26.29 -17.26 -24.37
N GLY B 10 -12.48 -4.00 12.61
CA GLY B 10 -12.53 -4.21 11.16
C GLY B 10 -11.26 -4.93 10.70
N LEU B 11 -11.35 -6.28 10.58
CA LEU B 11 -10.42 -7.04 9.75
C LEU B 11 -10.51 -6.59 8.29
N ALA B 12 -11.70 -6.13 7.87
CA ALA B 12 -11.93 -5.61 6.52
C ALA B 12 -10.99 -4.43 6.25
N ASP B 13 -10.78 -3.61 7.28
CA ASP B 13 -9.91 -2.46 7.16
C ASP B 13 -8.44 -2.88 7.20
N PHE B 14 -8.09 -4.14 7.52
CA PHE B 14 -6.69 -4.48 7.80
C PHE B 14 -5.99 -4.78 6.46
N LYS B 15 -5.65 -3.71 5.75
CA LYS B 15 -5.04 -3.87 4.44
C LYS B 15 -4.12 -2.69 4.18
N PRO B 16 -3.28 -2.74 3.14
CA PRO B 16 -2.37 -1.65 2.84
C PRO B 16 -3.05 -0.29 2.89
N GLY B 17 -2.38 0.64 3.57
CA GLY B 17 -2.78 2.04 3.64
C GLY B 17 -3.54 2.37 4.93
N VAL B 18 -3.95 1.35 5.69
CA VAL B 18 -4.72 1.57 6.90
C VAL B 18 -3.94 2.48 7.87
N GLN B 19 -4.66 3.37 8.58
CA GLN B 19 -4.02 4.26 9.54
C GLN B 19 -3.90 3.56 10.90
N TRP B 20 -2.81 3.89 11.60
CA TRP B 20 -2.48 3.17 12.83
C TRP B 20 -1.78 4.04 13.87
N GLU B 21 -1.74 3.51 15.09
CA GLU B 21 -0.98 4.08 16.22
C GLU B 21 -0.34 2.90 16.95
N ILE B 22 0.88 3.11 17.43
CA ILE B 22 1.58 2.18 18.30
C ILE B 22 1.95 2.93 19.58
N CYS B 23 1.69 2.28 20.72
CA CYS B 23 1.98 2.86 22.03
C CYS B 23 2.20 1.72 23.01
N ILE B 24 3.47 1.32 23.13
CA ILE B 24 3.81 0.15 23.94
C ILE B 24 4.61 0.53 25.18
N HIS B 25 5.09 1.79 25.29
CA HIS B 25 5.89 2.18 26.46
C HIS B 25 5.05 2.35 27.71
N HIS B 26 3.79 2.79 27.54
CA HIS B 26 2.85 2.96 28.64
C HIS B 26 1.47 2.49 28.17
N PRO B 27 0.58 2.08 29.08
CA PRO B 27 -0.78 1.71 28.67
C PRO B 27 -1.54 2.93 28.14
N ILE B 28 -2.36 2.71 27.12
CA ILE B 28 -3.20 3.78 26.59
C ILE B 28 -4.38 4.02 27.52
N LYS B 29 -4.79 5.28 27.58
CA LYS B 29 -6.01 5.65 28.29
C LYS B 29 -7.21 5.15 27.49
N HIS B 30 -8.25 4.67 28.20
CA HIS B 30 -9.32 3.94 27.53
C HIS B 30 -10.66 4.08 28.25
N ASP B 31 -10.91 5.27 28.81
CA ASP B 31 -12.17 5.53 29.47
C ASP B 31 -13.29 5.75 28.45
N SER B 32 -12.96 6.25 27.26
CA SER B 32 -13.94 6.46 26.19
C SER B 32 -13.23 6.49 24.84
N ALA B 33 -14.01 6.41 23.75
CA ALA B 33 -13.45 6.45 22.41
C ALA B 33 -12.66 7.75 22.18
N ALA B 34 -13.02 8.85 22.85
CA ALA B 34 -12.32 10.11 22.67
C ALA B 34 -10.88 10.09 23.23
N ASP B 35 -10.55 9.13 24.09
CA ASP B 35 -9.18 8.92 24.57
C ASP B 35 -8.29 8.32 23.49
N LEU B 36 -8.88 7.72 22.46
CA LEU B 36 -8.14 6.96 21.45
C LEU B 36 -7.62 7.92 20.40
N ILE B 37 -6.74 8.79 20.85
CA ILE B 37 -6.09 9.79 20.03
C ILE B 37 -4.90 9.09 19.44
N PRO B 38 -4.67 9.14 18.11
CA PRO B 38 -5.47 9.87 17.12
C PRO B 38 -6.69 9.08 16.64
N THR B 39 -7.86 9.76 16.54
CA THR B 39 -9.12 9.07 16.26
C THR B 39 -9.11 8.40 14.88
N LYS B 40 -8.35 8.93 13.93
CA LYS B 40 -8.26 8.34 12.60
C LYS B 40 -7.52 7.00 12.57
N ALA B 41 -6.76 6.66 13.62
CA ALA B 41 -6.08 5.37 13.66
C ALA B 41 -7.11 4.26 13.79
N LYS B 42 -7.09 3.29 12.86
CA LYS B 42 -8.01 2.16 12.89
C LYS B 42 -7.33 0.95 13.51
N VAL B 43 -6.01 0.84 13.35
CA VAL B 43 -5.19 -0.23 13.89
C VAL B 43 -4.40 0.32 15.08
N TRP B 44 -4.46 -0.41 16.21
CA TRP B 44 -3.77 -0.05 17.43
C TRP B 44 -2.82 -1.18 17.85
N ASP B 45 -1.54 -0.86 17.97
CA ASP B 45 -0.52 -1.79 18.43
C ASP B 45 -0.17 -1.42 19.88
N ILE B 46 -0.55 -2.31 20.80
CA ILE B 46 -0.43 -2.12 22.24
C ILE B 46 0.30 -3.30 22.87
N ASP B 47 0.89 -3.07 24.05
CA ASP B 47 1.61 -4.11 24.75
C ASP B 47 0.62 -5.12 25.33
N MET B 48 0.87 -6.42 25.04
CA MET B 48 -0.02 -7.46 25.54
C MET B 48 -0.12 -7.44 27.07
N GLY B 49 1.00 -7.19 27.75
CA GLY B 49 0.98 -7.11 29.22
C GLY B 49 0.08 -5.99 29.74
N HIS B 50 0.17 -4.79 29.12
CA HIS B 50 -0.72 -3.69 29.46
C HIS B 50 -2.18 -4.10 29.30
N ALA B 51 -2.50 -4.82 28.22
CA ALA B 51 -3.87 -5.25 28.01
C ALA B 51 -4.33 -6.22 29.10
N GLN B 52 -3.43 -7.04 29.63
CA GLN B 52 -3.78 -7.93 30.74
C GLN B 52 -3.98 -7.17 32.04
N GLU B 53 -3.18 -6.11 32.27
CA GLU B 53 -3.28 -5.29 33.46
C GLU B 53 -4.58 -4.48 33.48
N PHE B 54 -5.12 -4.15 32.30
CA PHE B 54 -6.25 -3.26 32.13
C PHE B 54 -7.32 -3.97 31.31
N PRO B 55 -8.14 -4.85 31.93
CA PRO B 55 -9.12 -5.61 31.16
C PRO B 55 -10.21 -4.84 30.42
N ASN B 56 -10.42 -3.55 30.67
CA ASN B 56 -11.34 -2.77 29.85
C ASN B 56 -10.71 -2.23 28.56
N MET B 57 -9.39 -2.34 28.42
CA MET B 57 -8.68 -1.67 27.33
C MET B 57 -9.05 -2.24 25.96
N ILE B 58 -8.89 -3.55 25.78
CA ILE B 58 -9.21 -4.12 24.47
C ILE B 58 -10.72 -4.02 24.21
N PRO B 59 -11.60 -4.30 25.17
CA PRO B 59 -13.03 -4.05 24.97
C PRO B 59 -13.35 -2.65 24.47
N MET B 60 -12.68 -1.63 25.03
CA MET B 60 -12.86 -0.27 24.55
C MET B 60 -12.43 -0.12 23.10
N LEU B 61 -11.24 -0.60 22.75
CA LEU B 61 -10.78 -0.57 21.38
C LEU B 61 -11.79 -1.24 20.42
N LYS B 62 -12.29 -2.42 20.79
N LYS B 62 -12.29 -2.42 20.79
CA LYS B 62 -13.18 -3.15 19.91
CA LYS B 62 -13.18 -3.14 19.91
C LYS B 62 -14.52 -2.42 19.79
C LYS B 62 -14.52 -2.41 19.78
N SER B 63 -15.02 -1.82 20.89
CA SER B 63 -16.26 -1.05 20.86
C SER B 63 -16.16 0.14 19.89
N ALA B 64 -14.95 0.70 19.75
CA ALA B 64 -14.69 1.84 18.87
C ALA B 64 -14.30 1.40 17.45
N GLY B 65 -14.36 0.11 17.15
CA GLY B 65 -14.17 -0.40 15.80
C GLY B 65 -12.71 -0.64 15.43
N LYS B 66 -11.81 -0.74 16.41
CA LYS B 66 -10.40 -0.83 16.11
C LYS B 66 -9.98 -2.30 15.92
N PHE B 67 -8.92 -2.47 15.12
CA PHE B 67 -8.23 -3.73 14.97
C PHE B 67 -7.02 -3.68 15.90
N VAL B 68 -6.89 -4.73 16.75
CA VAL B 68 -5.94 -4.71 17.84
C VAL B 68 -4.76 -5.64 17.59
N ILE B 69 -3.57 -5.07 17.61
CA ILE B 69 -2.30 -5.81 17.52
C ILE B 69 -1.65 -5.81 18.89
N CYS B 70 -1.27 -7.00 19.37
CA CYS B 70 -0.62 -7.17 20.67
C CYS B 70 0.88 -7.42 20.49
N TYR B 71 1.68 -6.46 20.94
CA TYR B 71 3.11 -6.54 20.99
C TYR B 71 3.53 -7.55 22.06
N PHE B 72 4.55 -8.37 21.72
CA PHE B 72 5.27 -9.14 22.72
C PHE B 72 6.67 -9.36 22.21
N ASN B 73 7.54 -9.91 23.08
CA ASN B 73 8.96 -10.08 22.74
C ASN B 73 9.20 -11.58 22.45
N ALA B 74 9.30 -11.93 21.17
CA ALA B 74 9.43 -13.34 20.75
C ALA B 74 10.88 -13.81 20.80
N GLY B 75 11.82 -12.90 20.55
CA GLY B 75 13.23 -13.26 20.45
C GLY B 75 14.04 -13.04 21.71
N ALA B 76 13.44 -12.45 22.75
CA ALA B 76 14.16 -12.17 23.98
C ALA B 76 13.25 -12.33 25.18
N LEU B 77 13.84 -12.82 26.26
CA LEU B 77 13.20 -12.94 27.56
C LEU B 77 13.40 -11.65 28.34
N GLN B 78 12.41 -11.28 29.16
CA GLN B 78 12.47 -10.02 29.90
C GLN B 78 12.34 -10.32 31.38
N ASP B 79 13.02 -9.50 32.21
CA ASP B 79 13.05 -9.73 33.65
C ASP B 79 11.65 -9.74 34.26
N TRP B 80 10.76 -8.95 33.71
CA TRP B 80 9.41 -8.79 34.26
C TRP B 80 8.41 -9.79 33.65
N ASP B 81 8.83 -10.68 32.73
CA ASP B 81 7.88 -11.62 32.14
C ASP B 81 7.28 -12.54 33.21
N ASP B 82 5.96 -12.71 33.13
CA ASP B 82 5.21 -13.56 34.03
C ASP B 82 5.69 -15.00 34.00
N ASP B 83 6.18 -15.45 32.85
CA ASP B 83 6.59 -16.82 32.62
C ASP B 83 8.12 -17.00 32.65
N LYS B 84 8.86 -15.99 33.14
CA LYS B 84 10.32 -16.02 33.11
C LYS B 84 10.89 -17.29 33.75
N SER B 85 10.31 -17.71 34.87
CA SER B 85 10.87 -18.81 35.63
C SER B 85 10.72 -20.15 34.91
N LYS B 86 9.90 -20.21 33.85
CA LYS B 86 9.67 -21.44 33.11
C LYS B 86 10.73 -21.69 32.05
N PHE B 87 11.53 -20.66 31.70
CA PHE B 87 12.53 -20.80 30.65
C PHE B 87 13.78 -21.46 31.20
N PRO B 88 14.29 -22.55 30.59
CA PRO B 88 15.54 -23.18 31.03
C PRO B 88 16.73 -22.24 30.86
N LYS B 89 17.73 -22.36 31.75
CA LYS B 89 18.87 -21.46 31.73
C LYS B 89 19.60 -21.59 30.40
N GLU B 90 19.61 -22.82 29.86
CA GLU B 90 20.36 -23.19 28.67
C GLU B 90 19.87 -22.43 27.42
N VAL B 91 18.64 -21.89 27.41
CA VAL B 91 18.14 -21.18 26.23
C VAL B 91 18.25 -19.65 26.36
N ILE B 92 18.84 -19.16 27.46
CA ILE B 92 18.95 -17.71 27.69
C ILE B 92 20.37 -17.28 27.38
N GLY B 93 20.50 -16.33 26.45
CA GLY B 93 21.79 -15.89 25.94
C GLY B 93 22.07 -14.43 26.34
N HIS B 94 22.79 -13.71 25.46
CA HIS B 94 23.36 -12.43 25.85
C HIS B 94 22.29 -11.38 26.10
N SER B 95 22.62 -10.46 27.03
CA SER B 95 21.89 -9.21 27.17
C SER B 95 21.74 -8.50 25.83
N LEU B 96 20.55 -7.92 25.59
CA LEU B 96 20.34 -7.13 24.38
C LEU B 96 21.22 -5.89 24.35
N SER B 97 21.73 -5.46 25.50
CA SER B 97 22.59 -4.29 25.62
C SER B 97 24.07 -4.66 25.73
N TYR B 98 24.42 -5.94 25.50
CA TYR B 98 25.80 -6.43 25.56
C TYR B 98 26.76 -5.38 25.01
N PRO B 99 27.85 -5.00 25.70
CA PRO B 99 28.34 -5.66 26.92
C PRO B 99 27.69 -5.29 28.26
N TYR B 100 26.72 -4.38 28.26
CA TYR B 100 26.00 -3.97 29.46
C TYR B 100 24.98 -5.02 29.88
N ASP B 101 24.93 -5.33 31.17
CA ASP B 101 23.85 -6.09 31.75
C ASP B 101 22.55 -5.33 31.54
N SER B 102 21.43 -6.06 31.44
CA SER B 102 20.13 -5.44 31.25
C SER B 102 19.04 -6.41 31.73
N GLU B 103 17.81 -6.02 31.50
CA GLU B 103 16.65 -6.84 31.88
C GLU B 103 16.09 -7.60 30.66
N GLU B 104 16.81 -7.62 29.52
CA GLU B 104 16.39 -8.38 28.36
C GLU B 104 17.55 -9.21 27.79
N TRP B 105 17.26 -10.50 27.50
CA TRP B 105 18.25 -11.47 27.08
C TRP B 105 17.73 -12.26 25.89
N TYR B 106 18.55 -12.43 24.86
CA TYR B 106 18.17 -13.18 23.68
C TYR B 106 17.93 -14.65 24.02
N LEU B 107 16.93 -15.23 23.34
CA LEU B 107 16.57 -16.64 23.47
C LEU B 107 17.13 -17.45 22.32
N ASP B 108 17.39 -18.71 22.63
CA ASP B 108 17.68 -19.68 21.59
C ASP B 108 16.37 -20.11 20.95
N ILE B 109 16.03 -19.42 19.85
CA ILE B 109 14.73 -19.61 19.22
C ILE B 109 14.67 -20.87 18.32
N ARG B 110 15.74 -21.67 18.31
CA ARG B 110 15.68 -23.00 17.73
C ARG B 110 14.98 -23.98 18.67
N ASP B 111 14.94 -23.69 19.98
CA ASP B 111 14.63 -24.70 20.98
C ASP B 111 13.12 -24.91 21.11
N SER B 112 12.72 -26.19 21.15
CA SER B 112 11.30 -26.53 21.14
C SER B 112 10.60 -26.06 22.42
N ARG B 113 11.33 -25.98 23.52
CA ARG B 113 10.78 -25.52 24.79
C ARG B 113 10.45 -24.02 24.71
N VAL B 114 11.27 -23.27 23.98
CA VAL B 114 10.98 -21.85 23.79
C VAL B 114 9.69 -21.71 22.97
N LEU B 115 9.59 -22.47 21.88
CA LEU B 115 8.40 -22.42 21.05
C LEU B 115 7.16 -22.71 21.88
N GLU B 116 7.19 -23.76 22.71
CA GLU B 116 6.02 -24.15 23.50
C GLU B 116 5.62 -22.99 24.43
N LEU B 117 6.60 -22.36 25.09
CA LEU B 117 6.31 -21.24 25.97
C LEU B 117 5.69 -20.06 25.20
N GLN B 118 6.22 -19.78 24.01
CA GLN B 118 5.73 -18.68 23.19
C GLN B 118 4.32 -18.98 22.69
N THR B 119 3.97 -20.26 22.39
CA THR B 119 2.61 -20.56 21.98
C THR B 119 1.62 -20.33 23.12
N ALA B 120 2.03 -20.52 24.39
CA ALA B 120 1.15 -20.20 25.49
C ALA B 120 0.84 -18.69 25.53
N ARG B 121 1.79 -17.86 25.11
CA ARG B 121 1.58 -16.43 25.03
C ARG B 121 0.60 -16.10 23.90
N LEU B 122 0.69 -16.82 22.77
CA LEU B 122 -0.28 -16.69 21.70
C LEU B 122 -1.68 -17.03 22.19
N ASP B 123 -1.83 -18.07 23.01
CA ASP B 123 -3.12 -18.42 23.62
C ASP B 123 -3.68 -17.24 24.39
N ILE B 124 -2.81 -16.54 25.18
CA ILE B 124 -3.25 -15.38 25.96
C ILE B 124 -3.72 -14.30 24.99
N ALA B 125 -2.97 -14.03 23.94
CA ALA B 125 -3.33 -12.99 22.97
C ALA B 125 -4.73 -13.27 22.42
N ALA B 126 -4.98 -14.54 22.05
CA ALA B 126 -6.28 -14.92 21.51
C ALA B 126 -7.37 -14.75 22.56
N LYS B 127 -7.12 -15.18 23.80
CA LYS B 127 -8.12 -15.12 24.86
C LYS B 127 -8.52 -13.69 25.21
N ILE B 128 -7.57 -12.74 25.22
CA ILE B 128 -7.84 -11.40 25.73
C ILE B 128 -8.42 -10.45 24.68
N GLY B 129 -8.47 -10.85 23.40
CA GLY B 129 -9.14 -10.04 22.39
C GLY B 129 -8.21 -9.47 21.32
N CYS B 130 -6.90 -9.81 21.35
CA CYS B 130 -6.01 -9.39 20.29
C CYS B 130 -6.47 -9.99 18.95
N ASP B 131 -6.44 -9.19 17.88
CA ASP B 131 -6.65 -9.70 16.54
C ASP B 131 -5.37 -10.24 15.88
N ALA B 132 -4.22 -9.83 16.40
CA ALA B 132 -2.91 -10.09 15.82
C ALA B 132 -1.86 -9.90 16.89
N VAL B 133 -0.65 -10.41 16.60
CA VAL B 133 0.51 -10.20 17.42
C VAL B 133 1.65 -9.61 16.60
N ASP B 134 2.48 -8.80 17.29
CA ASP B 134 3.66 -8.11 16.78
C ASP B 134 4.89 -8.63 17.53
N PRO B 135 5.55 -9.72 17.04
CA PRO B 135 6.60 -10.39 17.80
C PRO B 135 7.94 -9.72 17.59
N ASP B 136 8.59 -9.33 18.68
CA ASP B 136 9.80 -8.53 18.59
C ASP B 136 11.07 -9.39 18.56
N ASN B 137 12.15 -8.77 18.05
CA ASN B 137 13.52 -9.28 18.19
C ASN B 137 13.74 -10.61 17.46
N VAL B 138 13.38 -10.62 16.17
CA VAL B 138 13.51 -11.80 15.32
C VAL B 138 14.58 -11.57 14.25
N ASP B 139 15.66 -10.85 14.63
CA ASP B 139 16.64 -10.37 13.67
C ASP B 139 18.08 -10.53 14.17
N ALA B 140 18.31 -11.42 15.14
CA ALA B 140 19.57 -11.42 15.87
C ALA B 140 20.47 -12.61 15.52
N TRP B 141 20.47 -12.99 14.25
CA TRP B 141 21.39 -13.99 13.76
C TRP B 141 22.80 -13.42 13.69
N GLN B 142 23.78 -14.32 13.70
CA GLN B 142 25.20 -13.97 13.58
C GLN B 142 25.41 -13.18 12.29
N GLN B 143 26.12 -12.05 12.38
CA GLN B 143 26.19 -11.11 11.25
C GLN B 143 27.26 -10.07 11.56
N ASP B 144 27.92 -9.53 10.51
CA ASP B 144 28.93 -8.49 10.65
C ASP B 144 30.00 -8.94 11.64
N ASP B 145 30.44 -10.22 11.49
CA ASP B 145 31.50 -10.81 12.28
C ASP B 145 31.20 -10.81 13.79
N GLU B 146 29.93 -10.76 14.21
CA GLU B 146 29.54 -10.79 15.62
C GLU B 146 28.33 -11.71 15.81
N ASP B 147 28.13 -12.20 17.04
CA ASP B 147 27.02 -13.07 17.37
C ASP B 147 26.19 -12.42 18.47
N PRO B 148 25.06 -11.76 18.19
CA PRO B 148 24.28 -11.10 19.21
C PRO B 148 23.74 -11.98 20.35
N THR B 149 23.40 -13.24 20.06
CA THR B 149 22.67 -14.04 21.04
C THR B 149 23.60 -14.94 21.85
N GLY B 150 24.71 -15.36 21.22
CA GLY B 150 25.58 -16.37 21.77
C GLY B 150 25.27 -17.77 21.26
N PHE B 151 24.17 -17.95 20.50
CA PHE B 151 23.80 -19.28 20.03
C PHE B 151 24.19 -19.50 18.57
N LYS B 152 24.90 -18.54 17.95
CA LYS B 152 25.37 -18.68 16.57
C LYS B 152 24.21 -19.00 15.62
N LEU B 153 23.10 -18.29 15.79
CA LEU B 153 21.91 -18.49 14.99
C LEU B 153 22.11 -17.98 13.55
N LYS B 154 21.40 -18.63 12.62
CA LYS B 154 21.40 -18.26 11.21
C LYS B 154 20.08 -17.55 10.90
N SER B 155 20.07 -16.74 9.83
CA SER B 155 18.84 -16.04 9.48
C SER B 155 17.68 -17.05 9.30
N SER B 156 17.98 -18.21 8.70
CA SER B 156 16.93 -19.23 8.50
C SER B 156 16.36 -19.76 9.81
N ASP B 157 17.11 -19.71 10.92
CA ASP B 157 16.56 -20.08 12.22
C ASP B 157 15.38 -19.18 12.59
N TYR B 158 15.51 -17.87 12.32
CA TYR B 158 14.44 -16.94 12.62
C TYR B 158 13.27 -17.17 11.66
N THR B 159 13.55 -17.43 10.36
CA THR B 159 12.46 -17.74 9.43
C THR B 159 11.65 -18.94 9.93
N ASN B 160 12.34 -20.00 10.33
CA ASN B 160 11.68 -21.21 10.79
C ASN B 160 10.89 -20.98 12.07
N TYR B 161 11.45 -20.19 12.99
CA TYR B 161 10.76 -19.87 14.22
C TYR B 161 9.49 -19.09 13.96
N LEU B 162 9.57 -18.07 13.12
CA LEU B 162 8.37 -17.28 12.81
C LEU B 162 7.34 -18.14 12.09
N LYS B 163 7.77 -19.01 11.19
CA LYS B 163 6.82 -19.93 10.56
C LYS B 163 6.12 -20.79 11.59
N ASN B 164 6.84 -21.23 12.63
CA ASN B 164 6.26 -22.08 13.66
C ASN B 164 5.27 -21.26 14.52
N LEU B 165 5.62 -20.00 14.86
CA LEU B 165 4.71 -19.15 15.59
C LEU B 165 3.43 -18.92 14.77
N ALA B 166 3.59 -18.69 13.46
CA ALA B 166 2.45 -18.44 12.58
C ALA B 166 1.58 -19.67 12.42
N LYS B 167 2.20 -20.85 12.32
CA LYS B 167 1.45 -22.10 12.20
C LYS B 167 0.54 -22.25 13.43
N TYR B 168 1.05 -21.92 14.60
CA TYR B 168 0.24 -22.03 15.81
C TYR B 168 -0.88 -20.97 15.80
N ALA B 169 -0.53 -19.69 15.59
CA ALA B 169 -1.51 -18.61 15.61
C ALA B 169 -2.65 -18.87 14.60
N HIS B 170 -2.29 -19.38 13.39
CA HIS B 170 -3.24 -19.60 12.32
C HIS B 170 -4.12 -20.83 12.58
N SER B 171 -3.92 -21.53 13.72
CA SER B 171 -4.71 -22.67 14.13
C SER B 171 -5.65 -22.36 15.31
N ILE B 172 -5.66 -21.11 15.82
CA ILE B 172 -6.51 -20.72 16.94
C ILE B 172 -7.30 -19.46 16.57
N LYS B 173 -8.48 -19.32 17.15
CA LYS B 173 -9.36 -18.22 16.81
C LYS B 173 -9.26 -17.12 17.88
N THR B 174 -9.49 -15.89 17.41
CA THR B 174 -9.61 -14.72 18.23
C THR B 174 -11.04 -14.61 18.78
N LYS B 175 -11.21 -13.57 19.61
CA LYS B 175 -12.52 -13.21 20.14
C LYS B 175 -13.49 -12.75 19.06
N ASP B 176 -12.99 -12.22 17.95
CA ASP B 176 -13.85 -11.88 16.82
C ASP B 176 -14.07 -13.07 15.90
N GLY B 177 -13.54 -14.24 16.26
CA GLY B 177 -13.91 -15.50 15.63
C GLY B 177 -13.10 -15.81 14.36
N GLN B 178 -11.93 -15.17 14.19
CA GLN B 178 -11.08 -15.35 13.03
C GLN B 178 -9.72 -15.86 13.49
N PRO B 179 -8.86 -16.35 12.57
CA PRO B 179 -7.51 -16.79 12.96
C PRO B 179 -6.71 -15.63 13.54
N LEU B 180 -5.82 -15.93 14.51
CA LEU B 180 -4.89 -14.94 15.02
C LEU B 180 -3.78 -14.66 14.02
N LEU B 181 -3.56 -13.38 13.69
CA LEU B 181 -2.54 -12.98 12.71
C LEU B 181 -1.21 -12.67 13.38
N VAL B 182 -0.13 -12.76 12.57
CA VAL B 182 1.23 -12.63 13.05
C VAL B 182 2.04 -11.75 12.11
N GLY B 183 2.74 -10.76 12.69
CA GLY B 183 3.53 -9.82 11.89
C GLY B 183 5.02 -10.18 11.85
N GLN B 184 5.69 -9.62 10.85
CA GLN B 184 7.14 -9.61 10.75
C GLN B 184 7.64 -8.27 11.29
N LYS B 185 8.58 -8.32 12.24
CA LYS B 185 9.20 -7.13 12.80
C LYS B 185 10.60 -7.00 12.21
N ASN B 186 10.80 -5.97 11.38
CA ASN B 186 12.12 -5.70 10.79
C ASN B 186 12.61 -6.97 10.08
N ALA B 187 13.92 -7.27 10.19
CA ALA B 187 14.53 -8.40 9.52
C ALA B 187 14.25 -8.37 8.00
N PRO B 188 14.64 -7.30 7.28
CA PRO B 188 14.39 -7.24 5.85
C PRO B 188 14.93 -8.43 5.08
N GLU B 189 16.09 -8.99 5.51
CA GLU B 189 16.75 -10.04 4.77
C GLU B 189 15.88 -11.29 4.59
N ILE B 190 14.89 -11.49 5.47
CA ILE B 190 14.05 -12.68 5.40
C ILE B 190 12.60 -12.34 5.03
N ALA B 191 12.31 -11.09 4.65
CA ALA B 191 10.96 -10.73 4.21
C ALA B 191 10.48 -11.62 3.05
N GLU B 192 11.34 -11.88 2.04
N GLU B 192 11.36 -11.89 2.07
CA GLU B 192 10.87 -12.63 0.89
CA GLU B 192 11.00 -12.63 0.88
C GLU B 192 10.54 -14.06 1.29
C GLU B 192 10.59 -14.05 1.28
N ASP B 193 11.21 -14.58 2.32
CA ASP B 193 10.96 -15.94 2.80
C ASP B 193 9.74 -16.06 3.71
N LEU B 194 9.21 -14.94 4.21
CA LEU B 194 8.14 -14.91 5.20
C LEU B 194 6.83 -14.36 4.66
N VAL B 195 6.85 -13.59 3.56
CA VAL B 195 5.66 -12.86 3.15
C VAL B 195 4.46 -13.78 2.87
N SER B 196 4.66 -15.01 2.38
N SER B 196 4.71 -15.01 2.40
CA SER B 196 3.51 -15.89 2.15
CA SER B 196 3.63 -15.93 2.07
C SER B 196 2.89 -16.34 3.47
C SER B 196 3.09 -16.66 3.30
N THR B 197 3.73 -16.49 4.47
CA THR B 197 3.31 -17.02 5.76
C THR B 197 2.73 -15.94 6.67
N LEU B 198 3.42 -14.82 6.87
CA LEU B 198 3.03 -13.82 7.83
C LEU B 198 2.01 -12.83 7.25
N ASP B 199 1.37 -12.05 8.11
CA ASP B 199 0.15 -11.34 7.77
C ASP B 199 0.34 -9.83 7.54
N PHE B 200 1.48 -9.29 7.95
CA PHE B 200 1.78 -7.86 7.92
C PHE B 200 3.21 -7.70 8.36
N ALA B 201 3.70 -6.46 8.26
CA ALA B 201 5.04 -6.17 8.76
C ALA B 201 4.99 -4.89 9.59
N VAL B 202 5.89 -4.81 10.58
CA VAL B 202 6.12 -3.61 11.37
C VAL B 202 7.59 -3.24 11.19
N LEU B 203 7.87 -2.03 10.71
CA LEU B 203 9.22 -1.62 10.38
C LEU B 203 9.66 -0.42 11.21
N GLU B 204 10.96 -0.40 11.55
CA GLU B 204 11.57 0.76 12.19
C GLU B 204 12.70 1.30 11.32
N SER B 205 12.63 2.59 10.95
CA SER B 205 13.69 3.26 10.23
C SER B 205 14.03 2.56 8.92
N CYS B 206 13.00 2.10 8.17
CA CYS B 206 13.29 1.58 6.86
C CYS B 206 13.89 2.65 5.94
N ARG B 207 13.55 3.93 6.12
CA ARG B 207 14.13 5.00 5.34
C ARG B 207 15.59 5.33 5.70
N GLY B 208 16.10 4.74 6.78
CA GLY B 208 17.42 5.05 7.30
C GLY B 208 17.39 6.29 8.20
N ASN B 209 18.59 6.77 8.49
CA ASN B 209 18.83 7.99 9.25
C ASN B 209 19.18 9.13 8.29
N SER B 210 18.58 10.31 8.57
CA SER B 210 18.68 11.45 7.68
C SER B 210 20.08 12.06 7.60
N ASP B 211 20.94 11.73 8.55
CA ASP B 211 22.34 12.11 8.43
C ASP B 211 23.03 11.32 7.31
N PRO B 212 23.49 11.96 6.20
CA PRO B 212 24.17 11.21 5.12
C PRO B 212 25.51 10.60 5.54
N ASN B 213 26.09 11.08 6.67
CA ASN B 213 27.35 10.56 7.19
C ASN B 213 27.14 9.33 8.07
N GLU B 214 25.92 9.13 8.57
CA GLU B 214 25.63 8.06 9.53
C GLU B 214 25.58 6.74 8.76
N GLU B 215 26.06 5.66 9.42
CA GLU B 215 25.90 4.32 8.90
C GLU B 215 24.46 3.93 9.22
N SER B 216 23.59 4.07 8.24
CA SER B 216 22.37 3.29 8.19
C SER B 216 22.28 2.79 6.76
N TRP B 217 21.34 1.90 6.51
CA TRP B 217 21.00 1.61 5.13
C TRP B 217 19.49 1.53 5.06
N PRO B 218 18.86 2.12 4.04
CA PRO B 218 17.40 1.95 3.90
C PRO B 218 17.05 0.52 3.50
N PHE B 219 15.86 0.08 3.88
CA PHE B 219 15.34 -1.23 3.50
C PHE B 219 13.85 -1.23 3.22
N CYS B 220 13.23 -0.06 2.99
CA CYS B 220 11.78 -0.06 2.74
C CYS B 220 11.42 -0.97 1.57
N GLU B 221 12.25 -0.95 0.50
CA GLU B 221 11.96 -1.67 -0.73
C GLU B 221 11.78 -3.17 -0.47
N ASP B 222 12.41 -3.72 0.58
CA ASP B 222 12.34 -5.15 0.85
C ASP B 222 10.95 -5.56 1.36
N PHE B 223 10.09 -4.58 1.72
CA PHE B 223 8.76 -4.89 2.19
C PHE B 223 7.67 -4.54 1.18
N GLN B 224 8.02 -4.10 -0.03
CA GLN B 224 7.02 -3.94 -1.09
C GLN B 224 6.33 -5.29 -1.40
N THR B 225 7.00 -6.39 -1.18
CA THR B 225 6.43 -7.72 -1.39
C THR B 225 5.19 -7.91 -0.51
N TYR B 226 5.16 -7.33 0.71
CA TYR B 226 3.97 -7.41 1.54
C TYR B 226 2.80 -6.63 0.93
N ILE B 227 3.09 -5.41 0.46
CA ILE B 227 2.07 -4.61 -0.22
C ILE B 227 1.49 -5.35 -1.44
N ASP B 228 2.36 -6.04 -2.22
CA ASP B 228 1.98 -6.84 -3.36
C ASP B 228 1.02 -7.98 -2.97
N ALA B 229 1.16 -8.47 -1.72
CA ALA B 229 0.33 -9.55 -1.19
C ALA B 229 -0.95 -9.03 -0.54
N GLY B 230 -1.18 -7.71 -0.53
CA GLY B 230 -2.36 -7.19 0.14
C GLY B 230 -2.24 -7.21 1.66
N LYS B 231 -1.01 -7.10 2.17
CA LYS B 231 -0.71 -7.13 3.59
C LYS B 231 -0.15 -5.79 4.02
N PRO B 232 -0.66 -5.16 5.09
CA PRO B 232 -0.18 -3.83 5.47
C PRO B 232 1.27 -3.86 5.97
N VAL B 233 1.93 -2.74 5.75
CA VAL B 233 3.30 -2.52 6.25
C VAL B 233 3.20 -1.30 7.14
N LEU B 234 3.34 -1.54 8.45
CA LEU B 234 3.17 -0.52 9.45
C LEU B 234 4.56 0.05 9.73
N GLN B 235 4.79 1.27 9.26
CA GLN B 235 6.12 1.83 9.11
C GLN B 235 6.35 2.94 10.14
N ILE B 236 7.32 2.73 11.04
CA ILE B 236 7.70 3.73 12.04
C ILE B 236 8.99 4.41 11.59
N GLU B 237 8.97 5.75 11.60
CA GLU B 237 10.19 6.52 11.38
C GLU B 237 10.44 7.40 12.60
N TYR B 238 11.73 7.56 12.93
CA TYR B 238 12.19 8.28 14.10
C TYR B 238 13.09 9.42 13.64
N PRO B 239 12.52 10.55 13.16
CA PRO B 239 13.34 11.66 12.69
C PRO B 239 14.21 12.15 13.85
N PRO B 240 15.55 12.25 13.67
CA PRO B 240 16.41 12.60 14.82
C PRO B 240 16.10 13.97 15.40
N SER B 241 15.55 14.89 14.59
CA SER B 241 15.13 16.20 15.06
C SER B 241 14.14 16.18 16.22
N VAL B 242 13.34 15.12 16.34
CA VAL B 242 12.33 15.14 17.40
C VAL B 242 13.01 15.06 18.79
N GLU B 243 13.87 14.06 18.96
CA GLU B 243 14.62 13.94 20.22
C GLU B 243 15.39 15.22 20.53
N LYS B 244 15.97 15.88 19.52
CA LYS B 244 16.83 17.02 19.73
C LYS B 244 16.07 18.31 19.98
N THR B 245 14.94 18.54 19.29
CA THR B 245 14.28 19.84 19.25
C THR B 245 12.82 19.77 19.73
N GLY B 246 12.25 18.59 19.86
CA GLY B 246 10.85 18.42 20.23
C GLY B 246 9.89 18.45 19.03
N LYS B 247 10.41 18.63 17.80
CA LYS B 247 9.56 18.66 16.62
C LYS B 247 10.31 18.12 15.41
N VAL B 248 9.56 17.74 14.39
CA VAL B 248 10.15 17.31 13.12
C VAL B 248 10.66 18.53 12.39
N SER B 249 11.96 18.59 12.09
CA SER B 249 12.54 19.71 11.38
C SER B 249 12.03 19.75 9.93
N ALA B 250 12.20 20.93 9.33
CA ALA B 250 11.89 21.07 7.89
C ALA B 250 12.69 20.06 7.05
N SER B 251 13.99 19.93 7.34
N SER B 251 13.99 19.92 7.35
CA SER B 251 14.85 19.00 6.62
CA SER B 251 14.85 19.01 6.60
C SER B 251 14.40 17.56 6.81
C SER B 251 14.40 17.56 6.81
N ASP B 252 13.97 17.20 8.03
CA ASP B 252 13.52 15.84 8.29
C ASP B 252 12.18 15.59 7.58
N ASN B 253 11.32 16.59 7.50
CA ASN B 253 10.12 16.44 6.67
C ASN B 253 10.47 16.08 5.22
N LYS B 254 11.47 16.75 4.65
CA LYS B 254 11.92 16.43 3.29
C LYS B 254 12.42 14.99 3.21
N TYR B 255 13.22 14.57 4.21
CA TYR B 255 13.82 13.23 4.15
C TYR B 255 12.78 12.14 4.35
N TYR B 256 11.88 12.30 5.34
CA TYR B 256 11.02 11.22 5.78
C TYR B 256 9.63 11.23 5.12
N CYS B 257 9.14 12.39 4.65
CA CYS B 257 7.75 12.53 4.22
C CYS B 257 7.61 12.68 2.70
N THR B 258 8.68 12.97 1.98
CA THR B 258 8.61 13.10 0.52
C THR B 258 8.34 11.71 -0.06
N ALA B 259 7.23 11.54 -0.81
CA ALA B 259 6.84 10.24 -1.33
C ALA B 259 7.97 9.66 -2.17
N GLU B 260 8.19 8.36 -1.98
CA GLU B 260 9.21 7.64 -2.73
C GLU B 260 8.63 6.27 -3.07
N ASP B 261 9.09 5.66 -4.15
CA ASP B 261 8.58 4.34 -4.54
C ASP B 261 8.79 3.29 -3.45
N GLU B 262 9.93 3.38 -2.74
CA GLU B 262 10.33 2.30 -1.84
C GLU B 262 9.35 2.01 -0.70
N ASP B 263 8.70 3.05 -0.16
CA ASP B 263 7.71 2.88 0.90
C ASP B 263 6.31 3.24 0.42
N LYS B 264 6.08 3.23 -0.88
CA LYS B 264 4.74 3.51 -1.40
C LYS B 264 3.76 2.47 -0.86
N GLY B 265 2.63 2.95 -0.32
CA GLY B 265 1.59 2.07 0.18
C GLY B 265 1.75 1.70 1.64
N PHE B 266 2.92 2.01 2.25
CA PHE B 266 3.12 1.74 3.67
C PHE B 266 2.23 2.69 4.48
N SER B 267 2.03 2.29 5.72
CA SER B 267 1.29 3.09 6.71
C SER B 267 2.32 3.78 7.59
N LYS B 268 2.66 5.03 7.25
CA LYS B 268 3.78 5.70 7.90
C LYS B 268 3.34 6.53 9.11
N ILE B 269 4.07 6.36 10.22
CA ILE B 269 3.91 7.17 11.40
C ILE B 269 5.29 7.63 11.88
N ILE B 270 5.35 8.87 12.35
CA ILE B 270 6.52 9.43 13.00
C ILE B 270 6.35 9.26 14.51
N LYS B 271 7.40 8.72 15.13
CA LYS B 271 7.53 8.62 16.57
C LYS B 271 8.91 9.17 16.95
N TRP B 272 9.22 9.31 18.24
CA TRP B 272 10.46 10.04 18.57
C TRP B 272 11.63 9.13 18.95
N ALA B 273 11.36 7.91 19.44
CA ALA B 273 12.45 7.05 19.90
C ALA B 273 12.06 5.58 19.96
N SER B 274 12.92 4.74 19.37
N SER B 274 12.91 4.72 19.38
CA SER B 274 12.71 3.31 19.36
CA SER B 274 12.66 3.30 19.38
C SER B 274 12.66 2.72 20.76
C SER B 274 12.62 2.74 20.79
N ALA B 275 13.43 3.31 21.69
CA ALA B 275 13.49 2.82 23.08
C ALA B 275 12.35 3.38 23.93
N GLN B 276 11.49 4.26 23.38
CA GLN B 276 10.38 4.82 24.14
C GLN B 276 9.22 5.09 23.18
N LEU B 277 8.52 4.02 22.82
CA LEU B 277 7.35 4.11 21.95
C LEU B 277 6.13 4.45 22.79
N ASP B 278 6.11 5.72 23.18
CA ASP B 278 5.04 6.30 24.00
C ASP B 278 3.95 6.86 23.11
N GLY B 279 3.10 7.72 23.68
CA GLY B 279 1.91 8.17 22.97
C GLY B 279 2.16 9.28 21.94
N TRP B 280 3.32 9.92 21.96
CA TRP B 280 3.61 11.00 21.05
C TRP B 280 3.69 10.44 19.63
N GLY B 281 3.13 11.16 18.67
CA GLY B 281 3.28 10.75 17.28
C GLY B 281 2.83 11.83 16.32
N GLN B 282 3.10 11.59 15.05
CA GLN B 282 2.73 12.52 14.01
C GLN B 282 2.60 11.81 12.68
N TYR B 283 1.59 12.20 11.87
CA TYR B 283 1.51 11.78 10.48
C TYR B 283 2.07 12.90 9.61
N CYS B 284 2.62 12.55 8.45
CA CYS B 284 3.25 13.53 7.58
C CYS B 284 2.26 14.64 7.22
N GLY B 285 2.68 15.88 7.41
CA GLY B 285 1.91 17.06 7.09
C GLY B 285 0.85 17.43 8.14
N GLU B 286 0.85 16.77 9.30
CA GLU B 286 -0.20 16.99 10.27
C GLU B 286 0.42 17.43 11.59
N GLU B 287 -0.37 18.10 12.42
CA GLU B 287 0.08 18.50 13.73
C GLU B 287 0.32 17.22 14.55
N PRO B 288 1.37 17.19 15.39
CA PRO B 288 1.57 16.04 16.26
C PRO B 288 0.42 15.86 17.25
N PHE B 289 0.30 14.63 17.72
CA PHE B 289 -0.68 14.24 18.70
C PHE B 289 0.00 13.52 19.85
N ARG B 290 -0.75 13.22 20.90
CA ARG B 290 -0.25 12.40 21.98
C ARG B 290 -1.38 11.52 22.49
N THR B 291 -1.21 10.21 22.35
CA THR B 291 -2.10 9.25 22.95
C THR B 291 -1.92 9.35 24.45
N PRO B 292 -2.98 9.67 25.21
CA PRO B 292 -2.87 9.81 26.66
C PRO B 292 -2.62 8.44 27.31
N ALA B 293 -2.07 8.47 28.53
CA ALA B 293 -1.74 7.28 29.28
C ALA B 293 -2.85 6.92 30.29
N ALA B 294 -3.06 5.63 30.48
CA ALA B 294 -3.85 5.12 31.60
C ALA B 294 -3.14 5.39 32.92
N LYS B 295 -3.93 5.47 33.99
CA LYS B 295 -3.43 5.68 35.32
C LYS B 295 -3.38 4.33 36.07
N TYR B 296 -2.24 4.02 36.71
CA TYR B 296 -2.16 2.90 37.64
C TYR B 296 -2.80 3.30 39.00
N GLY C 10 -7.44 22.22 -11.50
CA GLY C 10 -8.03 22.03 -12.84
C GLY C 10 -6.98 22.23 -13.93
N LEU C 11 -6.61 21.15 -14.62
CA LEU C 11 -5.79 21.27 -15.83
C LEU C 11 -6.62 21.92 -16.95
N ALA C 12 -7.95 21.74 -16.92
CA ALA C 12 -8.83 22.39 -17.90
C ALA C 12 -8.76 23.91 -17.74
N ASP C 13 -8.59 24.36 -16.49
CA ASP C 13 -8.43 25.76 -16.18
C ASP C 13 -7.03 26.27 -16.55
N PHE C 14 -6.07 25.38 -16.89
CA PHE C 14 -4.70 25.86 -17.07
C PHE C 14 -4.57 26.33 -18.52
N LYS C 15 -5.06 27.54 -18.76
CA LYS C 15 -5.08 28.06 -20.10
C LYS C 15 -4.93 29.56 -20.04
N PRO C 16 -4.68 30.22 -21.19
CA PRO C 16 -4.49 31.68 -21.17
C PRO C 16 -5.58 32.40 -20.39
N GLY C 17 -5.14 33.35 -19.55
CA GLY C 17 -6.02 34.24 -18.78
C GLY C 17 -6.23 33.76 -17.35
N VAL C 18 -5.81 32.53 -17.02
CA VAL C 18 -6.02 31.98 -15.67
C VAL C 18 -5.38 32.93 -14.64
N GLN C 19 -5.99 33.03 -13.44
CA GLN C 19 -5.49 33.86 -12.37
C GLN C 19 -4.51 33.04 -11.53
N TRP C 20 -3.46 33.69 -11.03
CA TRP C 20 -2.38 32.99 -10.35
C TRP C 20 -1.76 33.82 -9.24
N GLU C 21 -0.97 33.13 -8.39
CA GLU C 21 -0.10 33.73 -7.38
C GLU C 21 1.23 32.98 -7.42
N ILE C 22 2.32 33.69 -7.16
CA ILE C 22 3.64 33.11 -6.99
C ILE C 22 4.17 33.57 -5.63
N CYS C 23 4.71 32.62 -4.85
CA CYS C 23 5.26 32.89 -3.55
C CYS C 23 6.35 31.84 -3.28
N ILE C 24 7.57 32.16 -3.69
CA ILE C 24 8.69 31.26 -3.59
C ILE C 24 9.68 31.65 -2.51
N HIS C 25 9.61 32.88 -1.98
CA HIS C 25 10.59 33.34 -1.00
C HIS C 25 10.37 32.69 0.36
N HIS C 26 9.11 32.45 0.73
CA HIS C 26 8.75 31.80 1.97
C HIS C 26 7.67 30.77 1.71
N PRO C 27 7.54 29.75 2.57
CA PRO C 27 6.41 28.80 2.41
C PRO C 27 5.08 29.51 2.64
N ILE C 28 4.06 29.13 1.86
CA ILE C 28 2.74 29.67 2.07
C ILE C 28 2.10 28.99 3.27
N LYS C 29 1.25 29.75 3.98
CA LYS C 29 0.45 29.22 5.06
C LYS C 29 -0.66 28.34 4.47
N HIS C 30 -0.98 27.24 5.14
CA HIS C 30 -1.85 26.24 4.54
C HIS C 30 -2.58 25.40 5.57
N ASP C 31 -2.99 26.02 6.68
CA ASP C 31 -3.77 25.33 7.70
C ASP C 31 -5.20 25.08 7.22
N SER C 32 -5.73 25.96 6.39
CA SER C 32 -7.02 25.77 5.77
C SER C 32 -7.09 26.53 4.45
N ALA C 33 -8.14 26.28 3.66
CA ALA C 33 -8.26 26.92 2.35
C ALA C 33 -8.33 28.44 2.50
N ALA C 34 -8.80 28.93 3.66
CA ALA C 34 -8.89 30.37 3.88
C ALA C 34 -7.52 31.06 3.95
N ASP C 35 -6.44 30.29 4.16
CA ASP C 35 -5.09 30.82 4.12
C ASP C 35 -4.64 31.15 2.71
N LEU C 36 -5.28 30.56 1.69
CA LEU C 36 -4.81 30.63 0.31
C LEU C 36 -5.28 31.94 -0.32
N ILE C 37 -4.79 33.03 0.26
CA ILE C 37 -5.03 34.38 -0.22
C ILE C 37 -3.99 34.64 -1.29
N PRO C 38 -4.32 35.14 -2.49
CA PRO C 38 -5.69 35.52 -2.89
C PRO C 38 -6.53 34.33 -3.37
N THR C 39 -7.80 34.26 -2.91
CA THR C 39 -8.64 33.11 -3.16
C THR C 39 -8.96 32.98 -4.66
N LYS C 40 -8.93 34.07 -5.40
CA LYS C 40 -9.21 34.01 -6.84
C LYS C 40 -8.07 33.38 -7.64
N ALA C 41 -6.87 33.23 -7.05
CA ALA C 41 -5.77 32.60 -7.76
C ALA C 41 -6.06 31.11 -7.90
N LYS C 42 -6.08 30.63 -9.16
CA LYS C 42 -6.31 29.21 -9.41
C LYS C 42 -5.00 28.44 -9.54
N VAL C 43 -4.00 29.12 -10.07
CA VAL C 43 -2.66 28.58 -10.22
C VAL C 43 -1.75 29.14 -9.13
N TRP C 44 -1.00 28.25 -8.48
CA TRP C 44 -0.08 28.61 -7.41
C TRP C 44 1.31 28.13 -7.80
N ASP C 45 2.28 29.06 -7.82
CA ASP C 45 3.66 28.75 -8.11
C ASP C 45 4.43 28.88 -6.80
N ILE C 46 4.91 27.72 -6.29
CA ILE C 46 5.49 27.63 -4.96
C ILE C 46 6.85 26.94 -5.12
N ASP C 47 7.71 27.13 -4.11
CA ASP C 47 9.01 26.47 -4.14
C ASP C 47 8.86 24.97 -3.85
N MET C 48 9.47 24.16 -4.71
CA MET C 48 9.36 22.69 -4.57
C MET C 48 9.89 22.23 -3.19
N GLY C 49 11.00 22.84 -2.73
CA GLY C 49 11.55 22.52 -1.42
C GLY C 49 10.59 22.81 -0.28
N HIS C 50 9.94 24.00 -0.30
CA HIS C 50 8.94 24.35 0.71
C HIS C 50 7.82 23.31 0.74
N ALA C 51 7.40 22.83 -0.45
CA ALA C 51 6.36 21.82 -0.49
C ALA C 51 6.78 20.53 0.21
N GLN C 52 8.06 20.17 0.17
CA GLN C 52 8.57 18.99 0.86
C GLN C 52 8.73 19.23 2.35
N GLU C 53 9.11 20.45 2.75
CA GLU C 53 9.31 20.81 4.14
C GLU C 53 8.01 20.84 4.94
N PHE C 54 6.91 21.10 4.21
CA PHE C 54 5.59 21.27 4.78
C PHE C 54 4.63 20.33 4.05
N PRO C 55 4.61 19.04 4.43
CA PRO C 55 4.01 18.03 3.55
C PRO C 55 2.51 18.16 3.24
N ASN C 56 1.77 18.91 4.05
CA ASN C 56 0.36 19.12 3.76
C ASN C 56 0.11 20.29 2.83
N MET C 57 1.14 21.01 2.38
CA MET C 57 0.95 22.20 1.57
C MET C 57 0.26 21.87 0.22
N ILE C 58 0.84 20.93 -0.54
CA ILE C 58 0.25 20.60 -1.84
C ILE C 58 -1.10 19.92 -1.62
N PRO C 59 -1.27 18.95 -0.69
CA PRO C 59 -2.61 18.43 -0.41
C PRO C 59 -3.67 19.50 -0.14
N MET C 60 -3.29 20.53 0.65
CA MET C 60 -4.22 21.63 0.91
C MET C 60 -4.56 22.39 -0.37
N LEU C 61 -3.57 22.73 -1.19
CA LEU C 61 -3.81 23.38 -2.46
C LEU C 61 -4.76 22.56 -3.35
N LYS C 62 -4.51 21.25 -3.44
N LYS C 62 -4.51 21.25 -3.43
CA LYS C 62 -5.33 20.40 -4.30
CA LYS C 62 -5.34 20.40 -4.28
C LYS C 62 -6.75 20.27 -3.74
C LYS C 62 -6.76 20.30 -3.74
N SER C 63 -6.90 20.24 -2.41
CA SER C 63 -8.23 20.19 -1.80
C SER C 63 -9.06 21.43 -2.15
N ALA C 64 -8.41 22.57 -2.40
CA ALA C 64 -9.06 23.82 -2.76
C ALA C 64 -9.15 24.01 -4.28
N GLY C 65 -8.84 22.97 -5.06
CA GLY C 65 -8.97 22.98 -6.51
C GLY C 65 -7.87 23.72 -7.25
N LYS C 66 -6.66 23.88 -6.65
CA LYS C 66 -5.64 24.68 -7.29
C LYS C 66 -4.75 23.82 -8.18
N PHE C 67 -4.21 24.46 -9.21
CA PHE C 67 -3.18 23.90 -10.07
C PHE C 67 -1.84 24.34 -9.51
N VAL C 68 -0.93 23.38 -9.31
CA VAL C 68 0.29 23.63 -8.56
C VAL C 68 1.51 23.56 -9.47
N ILE C 69 2.23 24.67 -9.54
CA ILE C 69 3.50 24.78 -10.23
C ILE C 69 4.60 24.81 -9.17
N CYS C 70 5.63 23.97 -9.37
CA CYS C 70 6.76 23.87 -8.47
C CYS C 70 8.00 24.50 -9.10
N TYR C 71 8.43 25.59 -8.47
CA TYR C 71 9.66 26.28 -8.82
C TYR C 71 10.87 25.45 -8.43
N PHE C 72 11.85 25.44 -9.32
CA PHE C 72 13.20 25.01 -8.99
C PHE C 72 14.16 25.74 -9.92
N ASN C 73 15.45 25.63 -9.58
CA ASN C 73 16.50 26.39 -10.25
C ASN C 73 17.20 25.42 -11.21
N ALA C 74 16.89 25.52 -12.52
CA ALA C 74 17.41 24.60 -13.51
C ALA C 74 18.80 25.01 -14.02
N GLY C 75 19.06 26.30 -14.03
CA GLY C 75 20.28 26.82 -14.65
C GLY C 75 21.35 27.21 -13.64
N ALA C 76 21.05 27.09 -12.33
CA ALA C 76 22.01 27.47 -11.30
C ALA C 76 21.87 26.55 -10.08
N LEU C 77 23.01 26.28 -9.48
CA LEU C 77 23.10 25.56 -8.22
C LEU C 77 22.98 26.52 -7.07
N GLN C 78 22.41 26.05 -5.96
CA GLN C 78 22.24 26.91 -4.78
C GLN C 78 22.90 26.25 -3.58
N ASP C 79 23.43 27.08 -2.67
CA ASP C 79 24.14 26.60 -1.52
C ASP C 79 23.27 25.69 -0.64
N TRP C 80 21.97 25.92 -0.62
CA TRP C 80 21.07 25.19 0.28
C TRP C 80 20.45 23.98 -0.43
N ASP C 81 20.79 23.70 -1.70
CA ASP C 81 20.25 22.52 -2.37
C ASP C 81 20.63 21.23 -1.66
N ASP C 82 19.63 20.37 -1.45
CA ASP C 82 19.84 19.06 -0.81
C ASP C 82 20.82 18.18 -1.59
N ASP C 83 20.89 18.37 -2.90
CA ASP C 83 21.73 17.58 -3.79
C ASP C 83 23.03 18.30 -4.21
N LYS C 84 23.39 19.38 -3.53
CA LYS C 84 24.52 20.20 -3.95
C LYS C 84 25.81 19.37 -4.04
N SER C 85 26.01 18.47 -3.09
CA SER C 85 27.27 17.71 -3.00
C SER C 85 27.45 16.76 -4.19
N LYS C 86 26.37 16.48 -4.92
CA LYS C 86 26.36 15.54 -6.03
C LYS C 86 26.89 16.16 -7.32
N PHE C 87 26.97 17.50 -7.38
CA PHE C 87 27.36 18.21 -8.58
C PHE C 87 28.89 18.33 -8.62
N PRO C 88 29.54 17.97 -9.75
CA PRO C 88 30.97 18.19 -9.90
C PRO C 88 31.34 19.67 -9.96
N LYS C 89 32.54 19.98 -9.47
CA LYS C 89 33.08 21.33 -9.55
C LYS C 89 33.18 21.79 -11.01
N GLU C 90 33.47 20.86 -11.90
CA GLU C 90 33.65 21.11 -13.32
C GLU C 90 32.43 21.73 -14.01
N VAL C 91 31.23 21.55 -13.46
CA VAL C 91 30.02 22.05 -14.09
C VAL C 91 29.50 23.32 -13.37
N ILE C 92 30.22 23.81 -12.38
CA ILE C 92 29.78 24.95 -11.58
C ILE C 92 30.59 26.16 -12.02
N GLY C 93 29.89 27.19 -12.48
CA GLY C 93 30.50 28.39 -13.04
C GLY C 93 30.30 29.58 -12.12
N HIS C 94 30.17 30.76 -12.75
CA HIS C 94 30.25 32.01 -11.99
C HIS C 94 29.04 32.16 -11.04
N SER C 95 29.32 32.83 -9.93
CA SER C 95 28.29 33.41 -9.08
C SER C 95 27.30 34.22 -9.90
N LEU C 96 26.03 34.11 -9.57
CA LEU C 96 24.99 34.93 -10.19
C LEU C 96 25.18 36.41 -9.86
N SER C 97 25.94 36.74 -8.81
CA SER C 97 26.21 38.10 -8.40
C SER C 97 27.60 38.56 -8.78
N TYR C 98 28.28 37.83 -9.68
CA TYR C 98 29.61 38.14 -10.15
C TYR C 98 29.74 39.64 -10.38
N PRO C 99 30.78 40.32 -9.86
CA PRO C 99 31.97 39.73 -9.24
C PRO C 99 31.89 39.32 -7.77
N TYR C 100 30.73 39.50 -7.15
CA TYR C 100 30.53 39.15 -5.73
C TYR C 100 30.28 37.65 -5.59
N ASP C 101 30.94 37.05 -4.59
CA ASP C 101 30.61 35.70 -4.15
C ASP C 101 29.16 35.66 -3.70
N SER C 102 28.50 34.51 -3.86
CA SER C 102 27.08 34.41 -3.49
C SER C 102 26.76 32.94 -3.16
N GLU C 103 25.49 32.68 -2.92
CA GLU C 103 25.02 31.31 -2.70
C GLU C 103 24.41 30.68 -3.95
N GLU C 104 24.52 31.33 -5.14
N GLU C 104 24.66 31.24 -5.15
CA GLU C 104 24.00 30.78 -6.38
CA GLU C 104 24.01 30.80 -6.38
C GLU C 104 25.04 30.89 -7.50
C GLU C 104 25.01 30.90 -7.54
N TRP C 105 25.21 29.78 -8.25
CA TRP C 105 26.26 29.66 -9.26
C TRP C 105 25.67 29.01 -10.51
N TYR C 106 26.01 29.53 -11.68
CA TYR C 106 25.48 29.01 -12.91
C TYR C 106 26.06 27.62 -13.19
N LEU C 107 25.23 26.77 -13.83
CA LEU C 107 25.62 25.42 -14.20
C LEU C 107 25.91 25.33 -15.69
N ASP C 108 26.82 24.41 -16.02
CA ASP C 108 27.01 24.00 -17.40
C ASP C 108 25.91 23.04 -17.80
N ILE C 109 24.84 23.60 -18.38
CA ILE C 109 23.63 22.85 -18.67
C ILE C 109 23.77 22.03 -19.97
N ARG C 110 24.95 22.01 -20.58
CA ARG C 110 25.23 21.05 -21.65
C ARG C 110 25.52 19.65 -21.06
N ASP C 111 25.96 19.59 -19.80
CA ASP C 111 26.65 18.40 -19.29
C ASP C 111 25.62 17.35 -18.84
N SER C 112 25.87 16.07 -19.21
CA SER C 112 24.90 15.01 -18.93
C SER C 112 24.68 14.81 -17.45
N ARG C 113 25.70 15.10 -16.62
CA ARG C 113 25.58 14.91 -15.18
C ARG C 113 24.59 15.89 -14.59
N VAL C 114 24.57 17.12 -15.13
CA VAL C 114 23.61 18.11 -14.70
C VAL C 114 22.19 17.65 -15.09
N LEU C 115 22.04 17.19 -16.32
CA LEU C 115 20.74 16.72 -16.78
C LEU C 115 20.22 15.62 -15.85
N GLU C 116 21.07 14.65 -15.51
N GLU C 116 21.08 14.64 -15.53
CA GLU C 116 20.64 13.52 -14.69
CA GLU C 116 20.73 13.51 -14.67
C GLU C 116 20.16 14.03 -13.33
C GLU C 116 20.20 14.01 -13.31
N LEU C 117 20.92 14.95 -12.69
CA LEU C 117 20.55 15.47 -11.40
C LEU C 117 19.21 16.24 -11.51
N GLN C 118 19.04 17.02 -12.58
CA GLN C 118 17.84 17.83 -12.72
C GLN C 118 16.62 16.94 -13.00
N THR C 119 16.80 15.82 -13.74
CA THR C 119 15.65 14.92 -13.96
C THR C 119 15.25 14.23 -12.66
N ALA C 120 16.17 14.00 -11.74
CA ALA C 120 15.80 13.45 -10.45
C ALA C 120 14.91 14.42 -9.69
N ARG C 121 15.14 15.73 -9.86
CA ARG C 121 14.31 16.74 -9.26
C ARG C 121 12.90 16.71 -9.86
N LEU C 122 12.81 16.46 -11.18
CA LEU C 122 11.51 16.30 -11.83
C LEU C 122 10.75 15.10 -11.25
N ASP C 123 11.44 14.00 -10.97
CA ASP C 123 10.82 12.85 -10.32
C ASP C 123 10.21 13.24 -8.96
N ILE C 124 10.92 14.07 -8.18
CA ILE C 124 10.40 14.54 -6.89
C ILE C 124 9.14 15.37 -7.14
N ALA C 125 9.19 16.28 -8.10
CA ALA C 125 8.04 17.13 -8.39
C ALA C 125 6.80 16.27 -8.69
N ALA C 126 6.98 15.24 -9.51
CA ALA C 126 5.91 14.31 -9.84
C ALA C 126 5.41 13.57 -8.60
N LYS C 127 6.33 13.09 -7.77
CA LYS C 127 5.94 12.34 -6.59
C LYS C 127 5.13 13.18 -5.58
N ILE C 128 5.46 14.47 -5.42
CA ILE C 128 4.92 15.24 -4.29
C ILE C 128 3.58 15.92 -4.61
N GLY C 129 3.16 15.88 -5.88
CA GLY C 129 1.88 16.45 -6.25
C GLY C 129 1.96 17.68 -7.14
N CYS C 130 3.14 18.09 -7.57
CA CYS C 130 3.22 19.21 -8.51
C CYS C 130 2.51 18.84 -9.83
N ASP C 131 1.78 19.78 -10.42
CA ASP C 131 1.22 19.59 -11.77
C ASP C 131 2.19 20.02 -12.84
N ALA C 132 3.16 20.88 -12.49
CA ALA C 132 4.07 21.51 -13.44
C ALA C 132 5.29 21.98 -12.70
N VAL C 133 6.33 22.30 -13.46
CA VAL C 133 7.55 22.90 -12.90
C VAL C 133 7.87 24.19 -13.64
N ASP C 134 8.48 25.11 -12.89
CA ASP C 134 8.90 26.44 -13.33
C ASP C 134 10.42 26.50 -13.20
N PRO C 135 11.20 26.18 -14.27
CA PRO C 135 12.65 26.01 -14.13
C PRO C 135 13.34 27.35 -14.34
N ASP C 136 14.17 27.76 -13.39
CA ASP C 136 14.74 29.10 -13.42
C ASP C 136 16.11 29.12 -14.12
N ASN C 137 16.51 30.32 -14.55
CA ASN C 137 17.87 30.62 -14.99
C ASN C 137 18.26 29.83 -16.24
N VAL C 138 17.44 29.93 -17.28
CA VAL C 138 17.68 29.27 -18.56
C VAL C 138 17.98 30.30 -19.65
N ASP C 139 18.63 31.43 -19.26
CA ASP C 139 18.78 32.57 -20.14
C ASP C 139 20.21 33.13 -20.14
N ALA C 140 21.21 32.35 -19.69
CA ALA C 140 22.52 32.88 -19.38
C ALA C 140 23.59 32.51 -20.41
N TRP C 141 23.21 32.46 -21.68
CA TRP C 141 24.17 32.28 -22.75
C TRP C 141 25.01 33.54 -22.94
N GLN C 142 26.19 33.34 -23.54
CA GLN C 142 27.09 34.42 -23.85
C GLN C 142 26.42 35.31 -24.88
N GLN C 143 26.49 36.63 -24.66
CA GLN C 143 25.86 37.61 -25.55
C GLN C 143 26.79 38.82 -25.60
N ASP C 144 27.11 39.32 -26.80
CA ASP C 144 27.78 40.61 -26.96
C ASP C 144 29.07 40.65 -26.12
N ASP C 145 29.87 39.56 -26.24
CA ASP C 145 31.16 39.43 -25.58
C ASP C 145 31.07 39.49 -24.05
N GLU C 146 29.91 39.15 -23.47
CA GLU C 146 29.70 39.04 -22.03
C GLU C 146 29.17 37.63 -21.75
N ASP C 147 29.87 36.88 -20.87
CA ASP C 147 29.57 35.48 -20.61
C ASP C 147 29.16 35.32 -19.15
N PRO C 148 27.86 35.26 -18.82
CA PRO C 148 27.45 35.11 -17.41
C PRO C 148 27.94 33.86 -16.68
N THR C 149 28.06 32.72 -17.39
CA THR C 149 28.30 31.46 -16.69
C THR C 149 29.79 31.13 -16.61
N GLY C 150 30.57 31.55 -17.60
CA GLY C 150 31.93 31.11 -17.78
C GLY C 150 32.11 29.94 -18.74
N PHE C 151 31.00 29.31 -19.17
CA PHE C 151 31.07 28.15 -20.06
C PHE C 151 30.84 28.54 -21.53
N LYS C 152 30.70 29.84 -21.83
CA LYS C 152 30.51 30.30 -23.21
C LYS C 152 29.35 29.60 -23.90
N LEU C 153 28.24 29.45 -23.20
CA LEU C 153 27.07 28.73 -23.70
C LEU C 153 26.38 29.55 -24.80
N LYS C 154 25.73 28.80 -25.71
CA LYS C 154 24.91 29.39 -26.76
C LYS C 154 23.45 29.33 -26.38
N SER C 155 22.62 30.18 -26.99
CA SER C 155 21.20 30.14 -26.71
C SER C 155 20.65 28.76 -27.04
N SER C 156 21.14 28.14 -28.11
CA SER C 156 20.66 26.79 -28.47
C SER C 156 20.99 25.75 -27.41
N ASP C 157 22.05 25.95 -26.61
CA ASP C 157 22.31 25.02 -25.51
C ASP C 157 21.16 25.00 -24.50
N TYR C 158 20.59 26.19 -24.21
CA TYR C 158 19.46 26.27 -23.30
C TYR C 158 18.22 25.66 -23.96
N THR C 159 18.00 25.92 -25.26
CA THR C 159 16.85 25.29 -25.94
C THR C 159 16.94 23.76 -25.83
N ASN C 160 18.12 23.20 -26.11
CA ASN C 160 18.33 21.75 -26.06
C ASN C 160 18.14 21.21 -24.66
N TYR C 161 18.65 21.93 -23.65
CA TYR C 161 18.49 21.51 -22.27
C TYR C 161 17.02 21.47 -21.89
N LEU C 162 16.27 22.53 -22.21
CA LEU C 162 14.86 22.58 -21.87
C LEU C 162 14.09 21.48 -22.62
N LYS C 163 14.45 21.23 -23.88
CA LYS C 163 13.81 20.14 -24.58
C LYS C 163 14.07 18.80 -23.90
N ASN C 164 15.30 18.60 -23.37
CA ASN C 164 15.62 17.39 -22.62
C ASN C 164 14.80 17.28 -21.32
N LEU C 165 14.67 18.40 -20.60
CA LEU C 165 13.89 18.40 -19.37
C LEU C 165 12.43 18.08 -19.70
N ALA C 166 11.90 18.69 -20.78
CA ALA C 166 10.50 18.51 -21.13
C ALA C 166 10.24 17.09 -21.57
N LYS C 167 11.13 16.51 -22.38
CA LYS C 167 10.99 15.13 -22.82
C LYS C 167 10.85 14.20 -21.62
N TYR C 168 11.66 14.44 -20.57
CA TYR C 168 11.59 13.64 -19.36
C TYR C 168 10.24 13.84 -18.62
N ALA C 169 9.89 15.09 -18.37
CA ALA C 169 8.67 15.43 -17.64
C ALA C 169 7.42 14.88 -18.35
N HIS C 170 7.44 14.94 -19.70
CA HIS C 170 6.30 14.53 -20.50
C HIS C 170 6.16 13.02 -20.59
N SER C 171 7.10 12.27 -19.97
CA SER C 171 7.07 10.82 -19.92
C SER C 171 6.69 10.26 -18.54
N ILE C 172 6.42 11.16 -17.56
CA ILE C 172 6.08 10.74 -16.20
C ILE C 172 4.77 11.40 -15.78
N LYS C 173 4.01 10.71 -14.93
CA LYS C 173 2.72 11.22 -14.53
C LYS C 173 2.82 11.94 -13.18
N THR C 174 1.89 12.87 -12.99
CA THR C 174 1.68 13.58 -11.74
C THR C 174 0.75 12.75 -10.85
N LYS C 175 0.57 13.25 -9.62
CA LYS C 175 -0.38 12.59 -8.72
C LYS C 175 -1.81 12.72 -9.18
N ASP C 176 -2.13 13.75 -9.98
CA ASP C 176 -3.45 13.88 -10.59
C ASP C 176 -3.56 13.10 -11.89
N GLY C 177 -2.50 12.36 -12.23
CA GLY C 177 -2.60 11.32 -13.25
C GLY C 177 -2.37 11.83 -14.68
N GLN C 178 -1.72 12.98 -14.85
CA GLN C 178 -1.45 13.56 -16.15
C GLN C 178 0.05 13.76 -16.31
N PRO C 179 0.56 14.05 -17.52
CA PRO C 179 1.98 14.34 -17.71
C PRO C 179 2.40 15.57 -16.92
N LEU C 180 3.64 15.56 -16.40
CA LEU C 180 4.20 16.73 -15.75
C LEU C 180 4.53 17.81 -16.77
N LEU C 181 4.04 19.04 -16.55
CA LEU C 181 4.23 20.16 -17.46
C LEU C 181 5.50 20.94 -17.10
N VAL C 182 6.08 21.63 -18.10
CA VAL C 182 7.30 22.39 -17.93
C VAL C 182 7.16 23.76 -18.57
N GLY C 183 7.52 24.81 -17.82
CA GLY C 183 7.47 26.17 -18.30
C GLY C 183 8.80 26.69 -18.84
N GLN C 184 8.69 27.76 -19.61
CA GLN C 184 9.78 28.58 -20.04
C GLN C 184 9.85 29.81 -19.13
N LYS C 185 11.03 30.05 -18.56
CA LYS C 185 11.27 31.22 -17.69
C LYS C 185 12.07 32.24 -18.46
N ASN C 186 11.45 33.39 -18.79
CA ASN C 186 12.13 34.46 -19.53
C ASN C 186 12.73 33.91 -20.82
N ALA C 187 13.95 34.33 -21.17
CA ALA C 187 14.63 33.89 -22.38
C ALA C 187 13.80 34.15 -23.63
N PRO C 188 13.36 35.38 -23.88
CA PRO C 188 12.50 35.65 -25.05
C PRO C 188 13.09 35.21 -26.38
N GLU C 189 14.43 35.24 -26.52
CA GLU C 189 15.07 34.94 -27.80
C GLU C 189 14.79 33.51 -28.28
N ILE C 190 14.44 32.62 -27.37
CA ILE C 190 14.25 31.22 -27.68
C ILE C 190 12.81 30.79 -27.49
N ALA C 191 11.90 31.74 -27.23
CA ALA C 191 10.47 31.41 -27.12
C ALA C 191 9.98 30.69 -28.40
N GLU C 192 10.32 31.22 -29.59
CA GLU C 192 9.76 30.63 -30.80
C GLU C 192 10.31 29.22 -31.00
N ASP C 193 11.52 28.95 -30.52
CA ASP C 193 12.11 27.62 -30.63
C ASP C 193 11.59 26.61 -29.59
N LEU C 194 10.91 27.08 -28.55
CA LEU C 194 10.45 26.26 -27.45
C LEU C 194 8.94 26.10 -27.37
N VAL C 195 8.16 26.97 -28.01
CA VAL C 195 6.73 27.02 -27.76
C VAL C 195 6.02 25.69 -28.10
N SER C 196 6.49 24.93 -29.08
N SER C 196 6.53 24.97 -29.10
CA SER C 196 5.87 23.65 -29.37
CA SER C 196 5.95 23.70 -29.50
C SER C 196 6.13 22.64 -28.24
C SER C 196 6.31 22.56 -28.55
N THR C 197 7.28 22.78 -27.63
CA THR C 197 7.74 21.81 -26.63
C THR C 197 7.18 22.12 -25.24
N LEU C 198 7.37 23.35 -24.77
CA LEU C 198 7.03 23.70 -23.40
C LEU C 198 5.56 24.05 -23.28
N ASP C 199 5.07 24.13 -22.03
CA ASP C 199 3.63 24.12 -21.75
C ASP C 199 3.07 25.47 -21.31
N PHE C 200 3.92 26.44 -21.04
CA PHE C 200 3.56 27.76 -20.50
C PHE C 200 4.84 28.56 -20.37
N ALA C 201 4.69 29.84 -20.05
CA ALA C 201 5.84 30.71 -19.80
C ALA C 201 5.60 31.48 -18.51
N VAL C 202 6.73 31.84 -17.86
CA VAL C 202 6.74 32.71 -16.69
C VAL C 202 7.70 33.83 -17.03
N LEU C 203 7.25 35.09 -16.94
CA LEU C 203 8.01 36.24 -17.40
C LEU C 203 8.20 37.21 -16.24
N GLU C 204 9.36 37.87 -16.25
CA GLU C 204 9.63 38.98 -15.34
C GLU C 204 9.98 40.23 -16.13
N SER C 205 9.22 41.32 -15.88
CA SER C 205 9.52 42.62 -16.44
C SER C 205 9.52 42.59 -17.96
N CYS C 206 8.57 41.85 -18.58
CA CYS C 206 8.46 41.91 -20.03
C CYS C 206 8.08 43.32 -20.48
N ARG C 207 7.39 44.10 -19.65
CA ARG C 207 7.06 45.48 -19.97
C ARG C 207 8.23 46.45 -19.92
N GLY C 208 9.38 46.00 -19.39
CA GLY C 208 10.57 46.84 -19.29
C GLY C 208 10.53 47.64 -18.00
N ASN C 209 11.00 48.88 -18.03
CA ASN C 209 11.16 49.67 -16.81
C ASN C 209 10.48 51.01 -17.00
N SER C 210 9.63 51.41 -16.04
CA SER C 210 8.82 52.62 -16.17
C SER C 210 9.65 53.89 -16.13
N ASP C 211 10.87 53.80 -15.60
CA ASP C 211 11.70 54.99 -15.53
C ASP C 211 12.16 55.36 -16.95
N PRO C 212 11.75 56.51 -17.52
CA PRO C 212 12.15 56.84 -18.89
C PRO C 212 13.64 57.12 -19.04
N ASN C 213 14.36 57.35 -17.92
CA ASN C 213 15.81 57.57 -17.94
C ASN C 213 16.59 56.26 -17.94
N GLU C 214 15.96 55.16 -17.51
CA GLU C 214 16.62 53.87 -17.35
C GLU C 214 16.62 53.15 -18.70
N GLU C 215 17.46 52.13 -18.79
CA GLU C 215 17.41 51.16 -19.88
C GLU C 215 16.15 50.31 -19.75
N SER C 216 15.40 50.24 -20.85
CA SER C 216 14.19 49.43 -20.90
C SER C 216 14.20 48.60 -22.18
N TRP C 217 14.13 47.27 -22.05
CA TRP C 217 14.05 46.43 -23.25
C TRP C 217 12.82 45.53 -23.16
N PRO C 218 11.64 46.02 -23.59
CA PRO C 218 10.44 45.22 -23.42
C PRO C 218 10.47 43.97 -24.32
N PHE C 219 9.82 42.89 -23.89
CA PHE C 219 9.83 41.66 -24.66
C PHE C 219 8.51 40.89 -24.56
N CYS C 220 7.42 41.52 -24.08
CA CYS C 220 6.16 40.79 -23.93
C CYS C 220 5.73 40.16 -25.27
N GLU C 221 5.92 40.88 -26.39
CA GLU C 221 5.45 40.46 -27.70
C GLU C 221 6.05 39.12 -28.12
N ASP C 222 7.24 38.76 -27.58
CA ASP C 222 7.88 37.50 -27.92
C ASP C 222 7.13 36.28 -27.38
N PHE C 223 6.18 36.48 -26.45
CA PHE C 223 5.47 35.40 -25.83
C PHE C 223 4.01 35.34 -26.30
N GLN C 224 3.59 36.19 -27.23
CA GLN C 224 2.28 36.00 -27.88
C GLN C 224 2.18 34.62 -28.54
N THR C 225 3.32 34.05 -28.99
CA THR C 225 3.31 32.73 -29.61
C THR C 225 2.79 31.66 -28.64
N TYR C 226 3.03 31.80 -27.34
CA TYR C 226 2.45 30.88 -26.35
C TYR C 226 0.92 31.02 -26.27
N ILE C 227 0.43 32.27 -26.24
CA ILE C 227 -1.01 32.53 -26.23
C ILE C 227 -1.67 31.92 -27.46
N ASP C 228 -1.01 32.03 -28.65
CA ASP C 228 -1.50 31.46 -29.90
C ASP C 228 -1.60 29.92 -29.81
N ALA C 229 -0.76 29.32 -29.00
CA ALA C 229 -0.74 27.87 -28.79
C ALA C 229 -1.70 27.43 -27.71
N GLY C 230 -2.45 28.34 -27.09
CA GLY C 230 -3.31 27.96 -25.99
C GLY C 230 -2.56 27.64 -24.69
N LYS C 231 -1.40 28.29 -24.48
CA LYS C 231 -0.56 28.06 -23.33
C LYS C 231 -0.48 29.33 -22.52
N PRO C 232 -0.73 29.29 -21.19
CA PRO C 232 -0.72 30.52 -20.40
C PRO C 232 0.65 31.18 -20.34
N VAL C 233 0.62 32.49 -20.19
CA VAL C 233 1.82 33.30 -19.98
C VAL C 233 1.62 34.02 -18.64
N LEU C 234 2.42 33.60 -17.66
CA LEU C 234 2.29 34.03 -16.27
C LEU C 234 3.26 35.17 -16.11
N GLN C 235 2.72 36.39 -16.02
CA GLN C 235 3.50 37.60 -16.20
C GLN C 235 3.68 38.35 -14.88
N ILE C 236 4.95 38.48 -14.45
CA ILE C 236 5.28 39.24 -13.24
C ILE C 236 5.81 40.60 -13.62
N GLU C 237 5.27 41.65 -13.02
CA GLU C 237 5.81 42.99 -13.13
C GLU C 237 6.17 43.50 -11.74
N TYR C 238 7.27 44.26 -11.68
CA TYR C 238 7.86 44.79 -10.47
C TYR C 238 7.91 46.30 -10.55
N PRO C 239 6.78 47.00 -10.30
CA PRO C 239 6.78 48.46 -10.38
C PRO C 239 7.78 48.99 -9.37
N PRO C 240 8.75 49.83 -9.79
CA PRO C 240 9.78 50.32 -8.86
C PRO C 240 9.19 51.08 -7.66
N SER C 241 8.03 51.71 -7.82
CA SER C 241 7.39 52.43 -6.74
C SER C 241 7.08 51.57 -5.51
N VAL C 242 6.92 50.24 -5.67
CA VAL C 242 6.52 49.47 -4.50
C VAL C 242 7.69 49.40 -3.51
N GLU C 243 8.87 49.05 -4.00
CA GLU C 243 10.08 48.99 -3.16
C GLU C 243 10.34 50.34 -2.50
N LYS C 244 10.10 51.44 -3.23
CA LYS C 244 10.42 52.77 -2.75
C LYS C 244 9.38 53.32 -1.79
N THR C 245 8.08 53.08 -2.03
CA THR C 245 7.00 53.77 -1.33
C THR C 245 6.04 52.82 -0.61
N GLY C 246 6.09 51.52 -0.91
CA GLY C 246 5.20 50.54 -0.32
C GLY C 246 3.87 50.40 -1.07
N LYS C 247 3.70 51.12 -2.19
CA LYS C 247 2.51 50.96 -3.03
C LYS C 247 2.83 51.31 -4.47
N VAL C 248 1.93 50.85 -5.37
CA VAL C 248 2.08 51.13 -6.79
C VAL C 248 1.67 52.58 -7.02
N SER C 249 2.56 53.39 -7.57
CA SER C 249 2.28 54.77 -7.84
C SER C 249 1.27 54.90 -8.99
N ALA C 250 0.66 56.09 -9.05
CA ALA C 250 -0.22 56.44 -10.17
C ALA C 250 0.49 56.27 -11.52
N SER C 251 1.73 56.77 -11.62
CA SER C 251 2.45 56.68 -12.88
C SER C 251 2.81 55.24 -13.20
N ASP C 252 3.10 54.40 -12.18
CA ASP C 252 3.39 53.01 -12.43
C ASP C 252 2.13 52.24 -12.85
N ASN C 253 0.97 52.63 -12.32
CA ASN C 253 -0.30 52.07 -12.81
C ASN C 253 -0.45 52.34 -14.30
N LYS C 254 -0.16 53.56 -14.74
CA LYS C 254 -0.25 53.91 -16.17
C LYS C 254 0.69 53.00 -16.96
N TYR C 255 1.93 52.86 -16.48
CA TYR C 255 2.94 52.13 -17.25
C TYR C 255 2.65 50.65 -17.33
N TYR C 256 2.28 50.04 -16.19
CA TYR C 256 2.23 48.59 -16.10
C TYR C 256 0.82 48.02 -16.31
N CYS C 257 -0.24 48.79 -16.05
CA CYS C 257 -1.60 48.26 -16.02
C CYS C 257 -2.45 48.66 -17.22
N THR C 258 -2.05 49.67 -18.00
CA THR C 258 -2.78 50.08 -19.18
C THR C 258 -2.69 48.94 -20.20
N ALA C 259 -3.84 48.42 -20.63
CA ALA C 259 -3.89 47.30 -21.58
C ALA C 259 -3.13 47.67 -22.86
N GLU C 260 -2.32 46.71 -23.35
CA GLU C 260 -1.56 46.90 -24.58
C GLU C 260 -1.60 45.60 -25.38
N ASP C 261 -1.39 45.65 -26.69
CA ASP C 261 -1.47 44.42 -27.47
C ASP C 261 -0.38 43.42 -27.09
N GLU C 262 0.81 43.93 -26.69
CA GLU C 262 1.97 43.05 -26.53
C GLU C 262 1.83 42.00 -25.44
N ASP C 263 1.11 42.31 -24.35
CA ASP C 263 0.86 41.37 -23.26
C ASP C 263 -0.62 40.99 -23.17
N LYS C 264 -1.38 41.22 -24.24
CA LYS C 264 -2.78 40.83 -24.24
C LYS C 264 -2.91 39.31 -24.02
N GLY C 265 -3.78 38.93 -23.08
CA GLY C 265 -4.04 37.53 -22.79
C GLY C 265 -3.09 36.94 -21.74
N PHE C 266 -2.05 37.67 -21.34
CA PHE C 266 -1.18 37.24 -20.28
C PHE C 266 -1.93 37.33 -18.95
N SER C 267 -1.41 36.58 -17.98
CA SER C 267 -1.90 36.57 -16.60
C SER C 267 -1.00 37.46 -15.75
N LYS C 268 -1.36 38.75 -15.62
CA LYS C 268 -0.47 39.73 -15.02
C LYS C 268 -0.63 39.81 -13.50
N ILE C 269 0.48 39.78 -12.79
CA ILE C 269 0.53 40.02 -11.35
C ILE C 269 1.64 41.04 -11.05
N ILE C 270 1.36 41.93 -10.08
CA ILE C 270 2.33 42.86 -9.56
C ILE C 270 2.92 42.26 -8.28
N LYS C 271 4.26 42.27 -8.23
CA LYS C 271 5.05 41.86 -7.08
C LYS C 271 6.09 42.96 -6.83
N TRP C 272 6.81 42.91 -5.72
CA TRP C 272 7.65 44.07 -5.40
C TRP C 272 9.13 43.88 -5.72
N ALA C 273 9.63 42.65 -5.76
CA ALA C 273 11.06 42.42 -6.01
C ALA C 273 11.37 41.03 -6.51
N SER C 274 12.17 40.97 -7.59
N SER C 274 12.20 40.94 -7.57
CA SER C 274 12.59 39.72 -8.17
CA SER C 274 12.61 39.68 -8.15
C SER C 274 13.38 38.88 -7.18
C SER C 274 13.35 38.85 -7.11
N ALA C 275 14.16 39.53 -6.30
CA ALA C 275 14.98 38.83 -5.31
C ALA C 275 14.18 38.42 -4.06
N GLN C 276 12.90 38.85 -3.95
CA GLN C 276 12.09 38.48 -2.82
C GLN C 276 10.62 38.33 -3.25
N LEU C 277 10.34 37.17 -3.88
CA LEU C 277 9.01 36.84 -4.35
C LEU C 277 8.23 36.23 -3.19
N ASP C 278 7.88 37.11 -2.26
CA ASP C 278 7.13 36.81 -1.06
C ASP C 278 5.64 36.90 -1.33
N GLY C 279 4.83 36.91 -0.28
CA GLY C 279 3.39 36.78 -0.44
C GLY C 279 2.69 38.07 -0.85
N TRP C 280 3.37 39.22 -0.78
CA TRP C 280 2.74 40.48 -1.18
C TRP C 280 2.45 40.44 -2.67
N GLY C 281 1.29 40.96 -3.08
CA GLY C 281 1.00 41.08 -4.49
C GLY C 281 -0.21 41.96 -4.76
N GLN C 282 -0.44 42.20 -6.05
CA GLN C 282 -1.56 43.02 -6.44
C GLN C 282 -1.94 42.70 -7.88
N TYR C 283 -3.23 42.69 -8.15
CA TYR C 283 -3.72 42.65 -9.52
C TYR C 283 -4.08 44.07 -9.95
N CYS C 284 -3.96 44.36 -11.25
CA CYS C 284 -4.25 45.71 -11.72
C CYS C 284 -5.68 46.13 -11.33
N GLY C 285 -5.77 47.29 -10.70
CA GLY C 285 -7.05 47.89 -10.32
C GLY C 285 -7.63 47.32 -9.01
N GLU C 286 -6.87 46.53 -8.28
CA GLU C 286 -7.40 45.87 -7.10
C GLU C 286 -6.51 46.22 -5.91
N GLU C 287 -7.07 46.09 -4.71
CA GLU C 287 -6.32 46.34 -3.50
C GLU C 287 -5.25 45.29 -3.36
N PRO C 288 -4.05 45.64 -2.88
CA PRO C 288 -3.01 44.63 -2.68
C PRO C 288 -3.45 43.59 -1.66
N PHE C 289 -2.82 42.41 -1.78
CA PHE C 289 -3.08 41.31 -0.86
C PHE C 289 -1.74 40.84 -0.31
N ARG C 290 -1.81 39.94 0.67
CA ARG C 290 -0.61 39.26 1.11
C ARG C 290 -0.91 37.81 1.39
N THR C 291 -0.25 36.91 0.64
CA THR C 291 -0.28 35.50 0.96
C THR C 291 0.47 35.32 2.27
N PRO C 292 -0.19 34.81 3.33
CA PRO C 292 0.50 34.65 4.62
C PRO C 292 1.54 33.54 4.56
N ALA C 293 2.51 33.61 5.47
CA ALA C 293 3.62 32.64 5.53
C ALA C 293 3.32 31.52 6.54
N ALA C 294 3.77 30.30 6.20
CA ALA C 294 3.88 29.24 7.18
C ALA C 294 5.01 29.55 8.16
N LYS C 295 4.92 28.99 9.36
CA LYS C 295 5.96 29.16 10.38
C LYS C 295 6.80 27.90 10.47
N TYR C 296 8.12 28.05 10.51
CA TYR C 296 9.04 26.95 10.83
C TYR C 296 9.01 26.64 12.34
#